data_8P4G
#
_entry.id   8P4G
#
_cell.length_a   128.395
_cell.length_b   128.395
_cell.length_c   124.965
_cell.angle_alpha   90.00
_cell.angle_beta   90.00
_cell.angle_gamma   90.00
#
_symmetry.space_group_name_H-M   'P 41 21 2'
#
loop_
_entity.id
_entity.type
_entity.pdbx_description
1 polymer 'Multicopper oxidase'
2 non-polymer 'COPPER (II) ION'
3 non-polymer 'CHLORIDE ION'
4 water water
#
_entity_poly.entity_id   1
_entity_poly.type   'polypeptide(L)'
_entity_poly.pdbx_seq_one_letter_code
;TSAPVPPLIKEATYIEATASGYMAEGVLNPTIILRRGQRVDMTLKNKLTEPTIVHWHGFDVNWHNDAHPSFAITPGESYN
YSFDVVNRAGTYLYHPHPHGLTAKQFYMGQLGLVIVEDSGSDLGFKYGVNDLPLVISDRRFIGGAPVYNPTPMEMIAGFL
GNAVLVNGIKDAVFKLSGGSYRLRLVNGSNARLYMLSIVKKNGDVVPMRLIAVDQGFLARPIEVRALFLAPAERAEVVVE
LGEGVYLLKNTPFDHMHLEMGHGMQEALPEGSEYTIATFLVEGKGEAVPVEALPDPPPEPPKPTRTRRFALSLSGMQWTI
NGMSWNASNPLFEHVSVEGVELWEIVNDKASMTHPVHLHGFPMWIIERKDSPRQVAELAVDNRGRLPTDLGLKDTVLIWP
GETVKIVVNFDAKKRGQLFPFHCHNLEHEDGGMMINIAVK
;
_entity_poly.pdbx_strand_id   A,B
#
loop_
_chem_comp.id
_chem_comp.type
_chem_comp.name
_chem_comp.formula
CL non-polymer 'CHLORIDE ION' 'Cl -1'
CU non-polymer 'COPPER (II) ION' 'Cu 2'
#
# COMPACT_ATOMS: atom_id res chain seq x y z
N THR A 1 36.35 8.13 16.79
CA THR A 1 34.99 8.14 17.31
C THR A 1 33.98 8.37 16.19
N SER A 2 32.85 7.65 16.25
CA SER A 2 31.82 7.73 15.23
C SER A 2 30.46 7.82 15.88
N ALA A 3 29.67 8.83 15.47
CA ALA A 3 28.31 9.03 15.96
C ALA A 3 27.41 9.31 14.77
N PRO A 4 26.80 8.28 14.18
CA PRO A 4 25.98 8.50 12.98
C PRO A 4 24.66 9.18 13.29
N VAL A 5 24.53 10.44 12.92
CA VAL A 5 23.31 11.21 13.15
C VAL A 5 22.91 11.87 11.84
N PRO A 6 21.64 12.29 11.70
CA PRO A 6 21.24 12.97 10.48
C PRO A 6 22.04 14.24 10.29
N PRO A 7 22.28 14.62 9.03
CA PRO A 7 22.97 15.89 8.79
C PRO A 7 22.10 17.08 9.17
N LEU A 8 22.74 18.24 9.26
CA LEU A 8 22.07 19.46 9.69
C LEU A 8 21.79 20.36 8.50
N ILE A 9 20.74 21.16 8.62
CA ILE A 9 20.51 22.30 7.75
C ILE A 9 19.95 23.42 8.61
N LYS A 10 20.47 24.63 8.43
CA LYS A 10 19.99 25.80 9.16
C LYS A 10 18.89 26.45 8.34
N GLU A 11 17.64 26.23 8.75
CA GLU A 11 16.44 26.61 8.00
C GLU A 11 16.34 25.83 6.70
N ALA A 12 15.12 25.71 6.17
CA ALA A 12 14.90 24.99 4.92
C ALA A 12 14.12 25.88 3.96
N THR A 13 14.66 26.04 2.76
CA THR A 13 14.02 26.83 1.71
C THR A 13 13.18 25.98 0.76
N TYR A 14 13.74 24.85 0.32
CA TYR A 14 13.17 24.08 -0.76
C TYR A 14 13.31 22.60 -0.44
N ILE A 15 12.18 21.91 -0.31
CA ILE A 15 12.15 20.49 0.02
C ILE A 15 11.40 19.75 -1.08
N GLU A 16 12.01 18.69 -1.60
CA GLU A 16 11.38 17.82 -2.58
C GLU A 16 10.95 16.53 -1.90
N ALA A 17 9.68 16.18 -2.05
CA ALA A 17 9.18 14.91 -1.57
C ALA A 17 9.47 13.86 -2.63
N THR A 18 10.44 12.98 -2.36
CA THR A 18 10.80 11.91 -3.27
C THR A 18 10.50 10.57 -2.63
N ALA A 19 10.41 9.53 -3.45
CA ALA A 19 10.07 8.20 -2.97
C ALA A 19 11.07 7.68 -1.94
N SER A 20 12.29 8.20 -1.94
CA SER A 20 13.33 7.77 -1.02
C SER A 20 13.48 8.70 0.19
N GLY A 21 12.62 9.71 0.31
CA GLY A 21 12.68 10.64 1.41
C GLY A 21 12.70 12.07 0.91
N TYR A 22 12.90 12.99 1.85
CA TYR A 22 12.87 14.42 1.55
C TYR A 22 14.25 14.87 1.08
N MET A 23 14.31 15.48 -0.10
CA MET A 23 15.53 16.10 -0.60
C MET A 23 15.42 17.60 -0.35
N ALA A 24 16.02 18.05 0.75
CA ALA A 24 15.98 19.46 1.15
C ALA A 24 17.34 20.08 0.84
N GLU A 25 17.38 20.93 -0.18
CA GLU A 25 18.59 21.66 -0.57
C GLU A 25 19.76 20.73 -0.86
N GLY A 26 19.47 19.53 -1.36
CA GLY A 26 20.49 18.61 -1.81
C GLY A 26 20.81 17.48 -0.85
N VAL A 27 20.41 17.58 0.41
CA VAL A 27 20.70 16.54 1.40
C VAL A 27 19.42 15.79 1.74
N LEU A 28 19.59 14.51 2.10
CA LEU A 28 18.48 13.61 2.31
C LEU A 28 18.05 13.60 3.78
N ASN A 29 16.79 13.94 4.03
CA ASN A 29 16.20 13.94 5.36
C ASN A 29 17.07 14.62 6.43
N PRO A 30 17.48 15.87 6.20
CA PRO A 30 18.33 16.54 7.19
C PRO A 30 17.52 17.05 8.38
N THR A 31 18.22 17.26 9.48
CA THR A 31 17.62 17.89 10.64
C THR A 31 17.59 19.39 10.43
N ILE A 32 16.40 19.97 10.39
CA ILE A 32 16.24 21.40 10.18
C ILE A 32 16.28 22.09 11.53
N ILE A 33 17.19 23.05 11.68
CA ILE A 33 17.33 23.83 12.90
C ILE A 33 16.66 25.18 12.70
N LEU A 34 15.74 25.51 13.60
CA LEU A 34 15.04 26.79 13.56
C LEU A 34 15.18 27.48 14.90
N ARG A 35 15.25 28.81 14.86
CA ARG A 35 15.24 29.61 16.07
C ARG A 35 13.81 29.97 16.44
N ARG A 36 13.48 29.85 17.73
CA ARG A 36 12.15 30.22 18.17
C ARG A 36 11.90 31.71 17.92
N GLY A 37 10.77 32.01 17.30
CA GLY A 37 10.44 33.37 16.94
C GLY A 37 10.77 33.75 15.51
N GLN A 38 11.53 32.93 14.80
CA GLN A 38 11.94 33.29 13.44
C GLN A 38 10.80 32.99 12.45
N ARG A 39 10.95 33.52 11.25
CA ARG A 39 10.03 33.25 10.15
C ARG A 39 10.51 32.05 9.35
N VAL A 40 9.61 31.11 9.09
CA VAL A 40 9.89 29.98 8.22
C VAL A 40 9.20 30.20 6.89
N ASP A 41 9.98 30.13 5.80
CA ASP A 41 9.47 30.19 4.44
C ASP A 41 10.08 29.00 3.69
N MET A 42 9.30 27.94 3.54
CA MET A 42 9.76 26.72 2.90
C MET A 42 8.77 26.33 1.80
N THR A 43 9.32 25.88 0.67
CA THR A 43 8.53 25.44 -0.46
C THR A 43 8.68 23.93 -0.64
N LEU A 44 7.56 23.22 -0.64
CA LEU A 44 7.53 21.79 -0.87
C LEU A 44 7.14 21.52 -2.32
N LYS A 45 7.95 20.69 -3.01
CA LYS A 45 7.62 20.24 -4.35
C LYS A 45 7.40 18.73 -4.33
N ASN A 46 6.28 18.30 -4.93
CA ASN A 46 5.92 16.89 -4.99
C ASN A 46 6.65 16.23 -6.15
N LYS A 47 7.60 15.36 -5.84
CA LYS A 47 8.30 14.56 -6.85
C LYS A 47 7.86 13.11 -6.85
N LEU A 48 6.68 12.83 -6.28
CA LEU A 48 6.12 11.49 -6.21
C LEU A 48 5.15 11.26 -7.38
N THR A 49 4.62 10.05 -7.44
CA THR A 49 3.56 9.70 -8.39
C THR A 49 2.19 9.68 -7.74
N GLU A 50 2.06 10.27 -6.57
CA GLU A 50 0.81 10.30 -5.81
C GLU A 50 0.81 11.57 -4.97
N PRO A 51 -0.36 11.97 -4.46
CA PRO A 51 -0.41 13.20 -3.65
C PRO A 51 0.39 13.06 -2.36
N THR A 52 0.76 14.20 -1.80
CA THR A 52 1.40 14.24 -0.49
C THR A 52 1.31 15.66 0.06
N ILE A 53 1.66 15.79 1.34
CA ILE A 53 1.68 17.06 2.03
C ILE A 53 2.56 16.90 3.26
N VAL A 54 3.26 17.96 3.62
CA VAL A 54 4.16 17.92 4.76
C VAL A 54 3.42 18.38 6.00
N HIS A 55 3.51 17.60 7.08
CA HIS A 55 2.98 17.97 8.37
C HIS A 55 4.14 18.31 9.30
N TRP A 56 4.10 19.51 9.87
CA TRP A 56 5.08 19.92 10.88
C TRP A 56 4.56 19.42 12.22
N HIS A 57 4.99 18.21 12.59
CA HIS A 57 4.44 17.53 13.75
C HIS A 57 4.69 18.33 15.02
N GLY A 58 3.61 18.74 15.67
CA GLY A 58 3.70 19.45 16.93
C GLY A 58 3.86 20.95 16.85
N PHE A 59 3.73 21.55 15.67
CA PHE A 59 3.93 22.98 15.52
C PHE A 59 2.63 23.74 15.76
N ASP A 60 2.77 24.93 16.35
CA ASP A 60 1.65 25.80 16.66
C ASP A 60 1.45 26.77 15.49
N VAL A 61 0.84 26.26 14.42
CA VAL A 61 0.59 27.02 13.21
C VAL A 61 -0.86 26.84 12.80
N ASN A 62 -1.33 27.74 11.95
CA ASN A 62 -2.69 27.63 11.41
C ASN A 62 -2.75 26.47 10.43
N TRP A 63 -3.99 26.04 10.13
CA TRP A 63 -4.18 24.77 9.42
C TRP A 63 -3.68 24.83 7.99
N HIS A 64 -3.47 26.02 7.41
CA HIS A 64 -2.86 26.09 6.09
C HIS A 64 -1.39 25.70 6.14
N ASN A 65 -0.72 25.93 7.27
CA ASN A 65 0.66 25.56 7.47
C ASN A 65 0.83 24.23 8.21
N ASP A 66 -0.27 23.60 8.63
CA ASP A 66 -0.17 22.40 9.46
C ASP A 66 0.60 21.28 8.77
N ALA A 67 0.26 20.90 7.53
CA ALA A 67 -0.88 21.37 6.74
C ALA A 67 -1.98 20.32 6.75
N HIS A 68 -3.23 20.78 6.74
CA HIS A 68 -4.36 19.86 6.74
C HIS A 68 -4.27 18.91 5.56
N PRO A 69 -4.58 17.63 5.74
CA PRO A 69 -4.43 16.67 4.64
C PRO A 69 -5.23 17.04 3.39
N SER A 70 -6.29 17.84 3.53
CA SER A 70 -7.06 18.26 2.37
C SER A 70 -6.28 19.19 1.45
N PHE A 71 -5.15 19.73 1.90
CA PHE A 71 -4.31 20.59 1.08
C PHE A 71 -3.23 19.81 0.35
N ALA A 72 -3.32 18.49 0.30
CA ALA A 72 -2.33 17.67 -0.38
C ALA A 72 -2.24 18.05 -1.85
N ILE A 73 -1.02 18.18 -2.35
CA ILE A 73 -0.76 18.59 -3.73
C ILE A 73 -0.50 17.36 -4.57
N THR A 74 -0.84 17.46 -5.86
CA THR A 74 -0.71 16.37 -6.79
C THR A 74 0.72 16.29 -7.32
N PRO A 75 1.09 15.17 -7.98
CA PRO A 75 2.45 15.06 -8.53
C PRO A 75 2.85 16.22 -9.43
N GLY A 76 3.96 16.87 -9.09
CA GLY A 76 4.46 18.01 -9.83
C GLY A 76 4.15 19.35 -9.23
N GLU A 77 3.12 19.42 -8.38
CA GLU A 77 2.70 20.70 -7.81
C GLU A 77 3.60 21.10 -6.65
N SER A 78 3.38 22.31 -6.14
CA SER A 78 4.18 22.85 -5.06
C SER A 78 3.27 23.44 -3.98
N TYR A 79 3.83 23.56 -2.78
CA TYR A 79 3.11 24.12 -1.64
C TYR A 79 4.07 24.98 -0.84
N ASN A 80 3.69 26.23 -0.61
CA ASN A 80 4.53 27.19 0.10
C ASN A 80 4.07 27.30 1.54
N TYR A 81 4.98 27.03 2.48
CA TYR A 81 4.73 27.25 3.89
C TYR A 81 5.31 28.59 4.31
N SER A 82 4.58 29.32 5.15
CA SER A 82 5.05 30.60 5.65
C SER A 82 4.39 30.85 7.00
N PHE A 83 5.19 30.78 8.07
CA PHE A 83 4.65 30.90 9.43
C PHE A 83 5.78 31.34 10.37
N ASP A 84 5.38 31.78 11.55
CA ASP A 84 6.31 32.07 12.63
C ASP A 84 6.45 30.84 13.53
N VAL A 85 7.67 30.60 14.00
CA VAL A 85 7.95 29.51 14.93
C VAL A 85 7.70 30.01 16.34
N VAL A 86 6.62 29.53 16.96
CA VAL A 86 6.26 29.91 18.32
C VAL A 86 6.36 28.74 19.28
N ASN A 87 6.89 27.61 18.82
CA ASN A 87 7.01 26.44 19.67
C ASN A 87 8.22 26.56 20.59
N ARG A 88 8.10 25.97 21.78
CA ARG A 88 9.20 25.93 22.72
C ARG A 88 10.35 25.09 22.15
N ALA A 89 11.54 25.31 22.70
CA ALA A 89 12.71 24.54 22.29
C ALA A 89 12.46 23.05 22.50
N GLY A 90 12.47 22.29 21.41
CA GLY A 90 12.23 20.87 21.51
C GLY A 90 12.60 20.16 20.22
N THR A 91 12.29 18.87 20.19
CA THR A 91 12.56 18.02 19.03
C THR A 91 11.24 17.66 18.37
N TYR A 92 11.06 18.10 17.12
CA TYR A 92 9.83 17.92 16.38
C TYR A 92 10.12 17.13 15.10
N LEU A 93 9.07 16.89 14.31
CA LEU A 93 9.17 16.07 13.11
C LEU A 93 8.59 16.82 11.92
N TYR A 94 8.95 16.34 10.73
CA TYR A 94 8.24 16.68 9.51
C TYR A 94 8.13 15.42 8.65
N HIS A 95 6.91 15.07 8.27
CA HIS A 95 6.63 13.81 7.61
C HIS A 95 5.38 13.97 6.77
N PRO A 96 5.09 13.03 5.87
CA PRO A 96 3.92 13.19 5.00
C PRO A 96 2.63 13.08 5.78
N HIS A 97 1.57 13.60 5.16
CA HIS A 97 0.25 13.43 5.75
C HIS A 97 -0.90 13.34 4.75
N PRO A 98 -0.74 12.71 3.57
CA PRO A 98 -1.93 12.48 2.73
C PRO A 98 -2.70 11.27 3.24
N HIS A 99 -4.02 11.41 3.27
CA HIS A 99 -4.85 10.36 3.85
C HIS A 99 -4.74 9.07 3.05
N GLY A 100 -4.54 7.96 3.75
CA GLY A 100 -4.45 6.65 3.14
C GLY A 100 -3.13 6.34 2.48
N LEU A 101 -2.25 7.34 2.31
CA LEU A 101 -0.96 7.16 1.67
C LEU A 101 0.20 7.50 2.58
N THR A 102 -0.07 7.86 3.83
CA THR A 102 0.98 8.37 4.71
C THR A 102 1.94 7.27 5.14
N ALA A 103 1.41 6.09 5.47
CA ALA A 103 2.23 5.05 6.08
C ALA A 103 3.39 4.63 5.18
N LYS A 104 3.11 4.41 3.89
CA LYS A 104 4.16 3.92 3.00
C LYS A 104 5.15 5.03 2.66
N GLN A 105 4.67 6.26 2.47
CA GLN A 105 5.57 7.37 2.23
C GLN A 105 6.48 7.60 3.43
N PHE A 106 5.91 7.53 4.63
CA PHE A 106 6.69 7.59 5.87
C PHE A 106 7.67 6.42 5.94
N TYR A 107 7.16 5.20 5.81
CA TYR A 107 7.99 4.00 5.99
C TYR A 107 9.14 3.96 5.00
N MET A 108 8.92 4.42 3.77
CA MET A 108 9.92 4.31 2.72
C MET A 108 10.93 5.46 2.72
N GLY A 109 10.90 6.35 3.72
CA GLY A 109 12.00 7.27 3.90
C GLY A 109 11.67 8.73 4.11
N GLN A 110 10.42 9.13 3.89
CA GLN A 110 10.04 10.54 4.05
C GLN A 110 9.82 10.81 5.54
N LEU A 111 10.92 11.12 6.24
CA LEU A 111 10.85 11.52 7.65
C LEU A 111 12.12 12.29 7.99
N GLY A 112 11.95 13.43 8.67
CA GLY A 112 13.08 14.21 9.11
C GLY A 112 12.77 14.87 10.44
N LEU A 113 13.82 15.39 11.07
CA LEU A 113 13.71 16.03 12.36
C LEU A 113 13.76 17.55 12.24
N VAL A 114 13.08 18.22 13.16
CA VAL A 114 13.15 19.67 13.32
C VAL A 114 13.55 19.97 14.76
N ILE A 115 14.58 20.79 14.93
CA ILE A 115 15.06 21.20 16.25
C ILE A 115 14.82 22.70 16.38
N VAL A 116 13.99 23.09 17.35
CA VAL A 116 13.80 24.49 17.69
C VAL A 116 14.79 24.85 18.79
N GLU A 117 15.58 25.88 18.55
CA GLU A 117 16.56 26.34 19.52
C GLU A 117 16.06 27.63 20.16
N ASP A 118 16.13 27.69 21.48
CA ASP A 118 15.82 28.89 22.25
C ASP A 118 17.08 29.33 22.98
N SER A 119 16.92 30.30 23.87
CA SER A 119 18.07 30.84 24.61
C SER A 119 18.63 29.76 25.53
N GLY A 120 19.86 29.32 25.26
CA GLY A 120 20.51 28.33 26.09
C GLY A 120 19.84 26.98 26.07
N SER A 121 19.12 26.65 25.00
CA SER A 121 18.43 25.38 24.92
C SER A 121 19.38 24.21 24.66
N ASP A 122 20.61 24.50 24.24
CA ASP A 122 21.58 23.45 23.97
C ASP A 122 22.14 22.82 25.23
N LEU A 123 22.06 23.53 26.37
CA LEU A 123 22.53 23.04 27.65
C LEU A 123 24.02 22.67 27.61
N GLY A 124 24.77 23.31 26.70
CA GLY A 124 26.19 23.05 26.57
C GLY A 124 26.57 21.87 25.72
N PHE A 125 25.61 21.26 25.03
CA PHE A 125 25.88 20.14 24.14
C PHE A 125 25.99 20.62 22.70
N LYS A 126 26.65 19.79 21.88
CA LYS A 126 26.90 20.12 20.48
C LYS A 126 26.33 19.00 19.60
N TYR A 127 25.59 19.40 18.56
CA TYR A 127 24.96 18.43 17.66
C TYR A 127 26.01 17.55 17.01
N GLY A 128 25.76 16.24 17.00
CA GLY A 128 26.66 15.28 16.39
C GLY A 128 27.88 14.94 17.20
N VAL A 129 28.17 15.68 18.28
CA VAL A 129 29.28 15.37 19.16
C VAL A 129 28.73 14.65 20.39
N ASN A 130 28.06 15.39 21.27
CA ASN A 130 27.39 14.80 22.44
C ASN A 130 25.90 15.10 22.48
N ASP A 131 25.37 15.82 21.49
CA ASP A 131 23.93 15.99 21.32
C ASP A 131 23.52 15.12 20.15
N LEU A 132 23.05 13.91 20.45
CA LEU A 132 22.83 12.88 19.43
C LEU A 132 21.36 12.52 19.32
N PRO A 133 20.68 12.89 18.24
CA PRO A 133 19.32 12.37 18.01
C PRO A 133 19.38 10.91 17.60
N LEU A 134 18.55 10.09 18.24
CA LEU A 134 18.48 8.66 17.97
C LEU A 134 17.06 8.35 17.49
N VAL A 135 16.88 8.33 16.18
CA VAL A 135 15.58 8.04 15.58
C VAL A 135 15.48 6.53 15.41
N ILE A 136 14.64 5.90 16.21
CA ILE A 136 14.51 4.45 16.26
C ILE A 136 13.33 4.04 15.38
N SER A 137 13.63 3.35 14.28
CA SER A 137 12.61 2.85 13.37
C SER A 137 12.83 1.35 13.16
N ASP A 138 11.82 0.70 12.58
CA ASP A 138 11.91 -0.71 12.25
C ASP A 138 11.40 -0.93 10.84
N ARG A 139 12.14 -1.74 10.07
N ARG A 139 12.14 -1.73 10.07
CA ARG A 139 11.79 -2.06 8.70
CA ARG A 139 11.79 -2.05 8.70
C ARG A 139 11.72 -3.57 8.54
C ARG A 139 11.73 -3.56 8.53
N ARG A 140 10.99 -4.00 7.51
CA ARG A 140 10.96 -5.40 7.13
C ARG A 140 11.81 -5.56 5.88
N PHE A 141 12.94 -6.24 6.02
CA PHE A 141 13.81 -6.50 4.90
C PHE A 141 13.48 -7.86 4.30
N ILE A 142 13.29 -7.89 2.99
CA ILE A 142 13.15 -9.11 2.23
C ILE A 142 14.21 -9.06 1.14
N GLY A 143 15.17 -9.96 1.21
CA GLY A 143 16.33 -9.89 0.31
C GLY A 143 17.14 -8.64 0.52
N GLY A 144 17.31 -8.22 1.77
CA GLY A 144 18.08 -7.02 2.08
C GLY A 144 17.49 -5.74 1.54
N ALA A 145 16.21 -5.73 1.21
CA ALA A 145 15.56 -4.56 0.66
C ALA A 145 14.33 -4.23 1.51
N PRO A 146 14.20 -3.00 2.02
CA PRO A 146 13.03 -2.66 2.82
C PRO A 146 11.75 -2.73 2.00
N VAL A 147 10.77 -3.47 2.51
CA VAL A 147 9.50 -3.67 1.84
C VAL A 147 8.36 -3.26 2.77
N TYR A 148 7.28 -2.75 2.20
CA TYR A 148 6.07 -2.40 2.93
C TYR A 148 4.90 -3.10 2.24
N ASN A 149 4.59 -4.30 2.69
CA ASN A 149 3.51 -5.11 2.10
C ASN A 149 2.57 -5.57 3.21
N PRO A 150 1.82 -4.66 3.82
CA PRO A 150 0.94 -5.06 4.92
C PRO A 150 -0.24 -5.88 4.42
N THR A 151 -0.55 -6.94 5.15
CA THR A 151 -1.75 -7.72 4.92
C THR A 151 -2.96 -6.99 5.51
N PRO A 152 -4.18 -7.44 5.19
CA PRO A 152 -5.36 -6.88 5.87
C PRO A 152 -5.25 -6.93 7.39
N MET A 153 -4.73 -8.03 7.94
CA MET A 153 -4.56 -8.13 9.38
C MET A 153 -3.51 -7.15 9.89
N GLU A 154 -2.44 -6.96 9.12
CA GLU A 154 -1.42 -5.99 9.51
C GLU A 154 -1.94 -4.56 9.40
N MET A 155 -2.90 -4.31 8.52
CA MET A 155 -3.48 -2.98 8.43
CA MET A 155 -3.50 -2.98 8.42
C MET A 155 -4.33 -2.64 9.65
N ILE A 156 -4.76 -3.64 10.41
CA ILE A 156 -5.51 -3.44 11.65
C ILE A 156 -4.57 -3.30 12.85
N ALA A 157 -3.53 -4.13 12.90
CA ALA A 157 -2.66 -4.19 14.07
C ALA A 157 -1.44 -3.29 13.95
N GLY A 158 -0.98 -3.01 12.73
CA GLY A 158 0.23 -2.24 12.54
C GLY A 158 1.31 -3.05 11.84
N PHE A 159 2.15 -2.39 11.07
CA PHE A 159 3.19 -3.05 10.29
C PHE A 159 4.47 -3.08 11.11
N LEU A 160 4.88 -4.28 11.54
CA LEU A 160 6.08 -4.47 12.33
C LEU A 160 7.16 -5.11 11.47
N GLY A 161 8.35 -4.51 11.48
CA GLY A 161 9.48 -5.04 10.75
C GLY A 161 10.19 -6.15 11.52
N ASN A 162 11.25 -6.68 10.89
CA ASN A 162 12.06 -7.72 11.48
C ASN A 162 13.45 -7.23 11.88
N ALA A 163 13.69 -5.92 11.83
CA ALA A 163 14.96 -5.35 12.23
C ALA A 163 14.73 -3.90 12.64
N VAL A 164 15.48 -3.45 13.64
CA VAL A 164 15.34 -2.10 14.19
C VAL A 164 16.54 -1.26 13.78
N LEU A 165 16.29 -0.02 13.38
CA LEU A 165 17.33 0.89 12.93
C LEU A 165 17.40 2.11 13.84
N VAL A 166 18.59 2.71 13.91
CA VAL A 166 18.81 4.00 14.53
C VAL A 166 19.41 4.92 13.47
N ASN A 167 18.67 5.97 13.10
CA ASN A 167 19.06 6.86 12.01
C ASN A 167 19.35 6.07 10.73
N GLY A 168 18.49 5.09 10.45
CA GLY A 168 18.59 4.33 9.22
C GLY A 168 19.71 3.32 9.15
N ILE A 169 20.28 2.91 10.29
CA ILE A 169 21.41 1.99 10.31
C ILE A 169 21.02 0.75 11.10
N LYS A 170 21.18 -0.42 10.48
CA LYS A 170 20.84 -1.67 11.14
C LYS A 170 21.96 -2.09 12.07
N ASP A 171 21.60 -2.48 13.30
CA ASP A 171 22.57 -2.85 14.33
C ASP A 171 23.57 -1.71 14.55
N ALA A 172 23.03 -0.50 14.74
CA ALA A 172 23.85 0.69 14.82
C ALA A 172 24.81 0.62 16.00
N VAL A 173 26.03 1.14 15.77
CA VAL A 173 27.05 1.25 16.79
C VAL A 173 27.45 2.71 16.92
N PHE A 174 27.71 3.15 18.14
CA PHE A 174 28.21 4.49 18.40
C PHE A 174 29.53 4.37 19.14
N LYS A 175 30.59 4.92 18.55
CA LYS A 175 31.91 4.91 19.15
C LYS A 175 32.16 6.31 19.73
N LEU A 176 32.15 6.41 21.05
CA LEU A 176 32.15 7.70 21.73
C LEU A 176 33.27 7.74 22.76
N SER A 177 33.70 8.95 23.10
CA SER A 177 34.59 9.17 24.23
C SER A 177 33.75 9.37 25.49
N GLY A 178 34.36 9.03 26.63
CA GLY A 178 33.62 9.04 27.89
C GLY A 178 33.21 10.45 28.29
N GLY A 179 31.94 10.62 28.63
CA GLY A 179 31.47 11.90 29.10
C GLY A 179 29.97 11.94 29.20
N SER A 180 29.42 13.16 29.21
CA SER A 180 27.99 13.39 29.26
C SER A 180 27.43 13.40 27.85
N TYR A 181 26.28 12.76 27.66
CA TYR A 181 25.65 12.68 26.34
C TYR A 181 24.16 12.95 26.46
N ARG A 182 23.69 13.85 25.60
CA ARG A 182 22.27 14.18 25.49
C ARG A 182 21.71 13.41 24.29
N LEU A 183 20.87 12.42 24.57
CA LEU A 183 20.30 11.57 23.54
C LEU A 183 18.85 11.96 23.31
N ARG A 184 18.53 12.35 22.07
CA ARG A 184 17.16 12.72 21.71
C ARG A 184 16.51 11.49 21.11
N LEU A 185 15.83 10.73 21.97
CA LEU A 185 15.17 9.49 21.57
C LEU A 185 13.90 9.81 20.79
N VAL A 186 13.83 9.32 19.55
CA VAL A 186 12.69 9.56 18.67
C VAL A 186 12.24 8.23 18.10
N ASN A 187 10.94 7.93 18.21
CA ASN A 187 10.37 6.73 17.62
C ASN A 187 9.91 7.09 16.22
N GLY A 188 10.61 6.58 15.22
CA GLY A 188 10.26 6.84 13.83
C GLY A 188 9.66 5.62 13.16
N SER A 189 9.04 4.74 13.95
CA SER A 189 8.40 3.55 13.43
C SER A 189 6.98 3.84 12.99
N ASN A 190 6.42 2.92 12.19
CA ASN A 190 5.03 3.04 11.80
C ASN A 190 4.10 2.66 12.95
N ALA A 191 4.47 1.65 13.74
CA ALA A 191 3.58 1.16 14.77
C ALA A 191 4.32 0.56 15.98
N ARG A 192 5.60 0.24 15.81
CA ARG A 192 6.31 -0.50 16.86
C ARG A 192 6.49 0.36 18.11
N LEU A 193 6.22 -0.25 19.27
CA LEU A 193 6.41 0.38 20.57
C LEU A 193 7.68 -0.16 21.21
N TYR A 194 8.43 0.72 21.86
CA TYR A 194 9.65 0.35 22.56
C TYR A 194 9.53 0.68 24.05
N MET A 195 10.14 -0.16 24.87
CA MET A 195 10.43 0.17 26.26
C MET A 195 11.95 0.31 26.33
N LEU A 196 12.43 1.55 26.30
CA LEU A 196 13.84 1.84 26.11
C LEU A 196 14.57 1.81 27.45
N SER A 197 15.66 1.06 27.49
CA SER A 197 16.55 1.02 28.64
C SER A 197 17.99 1.00 28.15
N ILE A 198 18.87 1.63 28.92
CA ILE A 198 20.31 1.59 28.67
C ILE A 198 20.94 0.78 29.78
N VAL A 199 21.60 -0.32 29.42
CA VAL A 199 22.21 -1.21 30.40
C VAL A 199 23.71 -1.34 30.09
N LYS A 200 24.49 -1.55 31.14
CA LYS A 200 25.89 -1.90 30.98
C LYS A 200 26.03 -3.29 30.38
N LYS A 201 27.25 -3.61 29.94
CA LYS A 201 27.52 -4.93 29.38
C LYS A 201 27.22 -6.02 30.39
N ASN A 202 27.52 -5.78 31.67
CA ASN A 202 27.25 -6.78 32.69
C ASN A 202 25.77 -6.89 33.03
N GLY A 203 24.98 -5.87 32.72
CA GLY A 203 23.56 -5.87 33.00
C GLY A 203 23.08 -4.71 33.85
N ASP A 204 23.99 -3.98 34.50
CA ASP A 204 23.60 -2.83 35.31
C ASP A 204 22.88 -1.80 34.46
N VAL A 205 21.69 -1.40 34.89
CA VAL A 205 20.92 -0.40 34.18
C VAL A 205 21.52 0.98 34.46
N VAL A 206 21.83 1.71 33.39
CA VAL A 206 22.39 3.05 33.49
C VAL A 206 21.20 4.02 33.62
N PRO A 207 21.15 4.86 34.65
CA PRO A 207 20.02 5.76 34.81
C PRO A 207 20.03 6.85 33.74
N MET A 208 18.83 7.22 33.28
CA MET A 208 18.63 8.28 32.32
C MET A 208 17.89 9.44 32.98
N ARG A 209 18.36 10.66 32.75
CA ARG A 209 17.73 11.85 33.30
C ARG A 209 16.88 12.49 32.20
N LEU A 210 15.57 12.28 32.29
CA LEU A 210 14.65 12.87 31.32
C LEU A 210 14.57 14.38 31.52
N ILE A 211 14.79 15.12 30.44
CA ILE A 211 14.78 16.58 30.50
C ILE A 211 13.77 17.22 29.55
N ALA A 212 13.31 16.53 28.51
CA ALA A 212 12.41 17.13 27.55
C ALA A 212 11.59 16.05 26.87
N VAL A 213 10.36 16.42 26.49
CA VAL A 213 9.49 15.53 25.73
C VAL A 213 9.04 16.25 24.46
N ASP A 214 7.87 15.88 23.93
CA ASP A 214 7.42 16.34 22.62
C ASP A 214 7.53 17.85 22.48
N GLN A 215 6.99 18.60 23.46
CA GLN A 215 6.81 20.05 23.32
C GLN A 215 7.76 20.86 24.18
N GLY A 216 8.89 20.29 24.58
CA GLY A 216 9.90 21.10 25.24
C GLY A 216 10.32 20.48 26.56
N PHE A 217 11.00 21.29 27.37
CA PHE A 217 11.63 20.82 28.59
C PHE A 217 10.60 20.51 29.67
N LEU A 218 11.05 19.76 30.68
CA LEU A 218 10.30 19.56 31.92
C LEU A 218 10.65 20.68 32.90
N ALA A 219 9.99 20.67 34.06
CA ALA A 219 10.35 21.61 35.10
C ALA A 219 11.75 21.33 35.64
N ARG A 220 12.09 20.06 35.83
CA ARG A 220 13.39 19.64 36.31
C ARG A 220 13.67 18.25 35.77
N PRO A 221 14.94 17.83 35.73
CA PRO A 221 15.25 16.48 35.25
C PRO A 221 14.64 15.41 36.14
N ILE A 222 14.26 14.29 35.52
CA ILE A 222 13.67 13.15 36.22
C ILE A 222 14.48 11.92 35.86
N GLU A 223 14.93 11.18 36.87
CA GLU A 223 15.68 9.96 36.64
C GLU A 223 14.74 8.82 36.32
N VAL A 224 15.04 8.08 35.25
CA VAL A 224 14.24 6.96 34.82
C VAL A 224 15.14 5.75 34.57
N ARG A 225 14.58 4.56 34.79
CA ARG A 225 15.25 3.32 34.44
C ARG A 225 14.85 2.84 33.05
N ALA A 226 13.57 3.00 32.71
CA ALA A 226 13.07 2.68 31.38
C ALA A 226 11.91 3.63 31.07
N LEU A 227 11.66 3.81 29.78
CA LEU A 227 10.53 4.63 29.35
C LEU A 227 9.97 4.09 28.05
N PHE A 228 8.63 4.03 27.98
CA PHE A 228 7.97 3.66 26.75
C PHE A 228 8.08 4.79 25.72
N LEU A 229 8.39 4.44 24.48
CA LEU A 229 8.41 5.41 23.39
C LEU A 229 7.53 4.86 22.27
N ALA A 230 6.36 5.47 22.10
CA ALA A 230 5.39 5.15 21.06
C ALA A 230 5.72 5.92 19.79
N PRO A 231 5.19 5.49 18.64
CA PRO A 231 5.47 6.21 17.39
C PRO A 231 5.19 7.70 17.49
N ALA A 232 6.16 8.50 17.06
CA ALA A 232 6.18 9.96 17.00
C ALA A 232 6.38 10.62 18.36
N GLU A 233 6.57 9.86 19.44
CA GLU A 233 6.92 10.47 20.71
C GLU A 233 8.40 10.83 20.73
N ARG A 234 8.74 11.85 21.50
CA ARG A 234 10.12 12.31 21.67
C ARG A 234 10.44 12.38 23.16
N ALA A 235 11.66 11.98 23.51
CA ALA A 235 12.09 11.98 24.90
C ALA A 235 13.60 12.24 24.92
N GLU A 236 14.00 13.40 25.43
CA GLU A 236 15.41 13.76 25.51
C GLU A 236 15.93 13.38 26.90
N VAL A 237 16.94 12.51 26.93
CA VAL A 237 17.56 12.07 28.17
C VAL A 237 19.04 12.41 28.14
N VAL A 238 19.62 12.56 29.32
CA VAL A 238 21.05 12.77 29.49
C VAL A 238 21.62 11.59 30.26
N VAL A 239 22.68 10.99 29.75
CA VAL A 239 23.32 9.85 30.38
C VAL A 239 24.81 10.16 30.55
N GLU A 240 25.41 9.54 31.55
CA GLU A 240 26.84 9.64 31.82
C GLU A 240 27.49 8.32 31.45
N LEU A 241 28.25 8.32 30.36
CA LEU A 241 28.85 7.10 29.82
C LEU A 241 30.36 7.15 30.07
N GLY A 242 30.85 6.28 30.95
CA GLY A 242 32.26 6.08 31.13
C GLY A 242 32.79 5.00 30.20
N GLU A 243 34.10 4.77 30.28
CA GLU A 243 34.74 3.80 29.40
C GLU A 243 34.13 2.42 29.61
N GLY A 244 33.59 1.84 28.55
CA GLY A 244 32.96 0.53 28.64
C GLY A 244 32.05 0.30 27.45
N VAL A 245 31.19 -0.71 27.59
CA VAL A 245 30.24 -1.09 26.55
C VAL A 245 28.83 -0.93 27.10
N TYR A 246 28.01 -0.16 26.39
CA TYR A 246 26.62 0.07 26.77
C TYR A 246 25.70 -0.34 25.62
N LEU A 247 24.51 -0.83 25.99
CA LEU A 247 23.53 -1.27 25.02
C LEU A 247 22.22 -0.52 25.25
N LEU A 248 21.74 0.16 24.22
CA LEU A 248 20.37 0.65 24.19
C LEU A 248 19.48 -0.52 23.81
N LYS A 249 18.69 -1.00 24.77
CA LYS A 249 17.92 -2.22 24.58
C LYS A 249 16.43 -1.93 24.64
N ASN A 250 15.66 -2.85 24.07
CA ASN A 250 14.22 -2.92 24.31
C ASN A 250 14.01 -3.95 25.41
N THR A 251 13.52 -3.49 26.55
CA THR A 251 13.35 -4.41 27.69
C THR A 251 12.00 -5.14 27.58
N PRO A 252 11.93 -6.36 28.10
CA PRO A 252 10.71 -7.17 27.92
C PRO A 252 9.49 -6.55 28.59
N PHE A 253 8.39 -6.51 27.86
CA PHE A 253 7.11 -6.07 28.38
C PHE A 253 6.01 -6.82 27.65
N ASP A 254 4.77 -6.61 28.08
CA ASP A 254 3.61 -7.24 27.46
C ASP A 254 3.02 -6.30 26.40
N HIS A 255 3.24 -6.63 25.14
CA HIS A 255 2.55 -5.92 24.06
C HIS A 255 1.11 -6.43 24.02
N MET A 256 0.17 -5.60 24.47
CA MET A 256 -1.23 -6.04 24.59
C MET A 256 -1.84 -5.96 23.21
N HIS A 257 -1.67 -7.05 22.45
CA HIS A 257 -1.96 -7.12 21.03
C HIS A 257 -3.41 -7.55 20.78
N LEU A 258 -3.66 -8.13 19.61
CA LEU A 258 -4.98 -8.51 19.12
C LEU A 258 -5.94 -7.33 19.13
N GLU A 266 5.16 -13.16 15.21
CA GLU A 266 6.04 -12.08 14.76
C GLU A 266 7.50 -12.48 14.73
N ALA A 267 8.23 -12.00 13.71
CA ALA A 267 9.64 -12.30 13.59
C ALA A 267 10.44 -11.69 14.75
N LEU A 268 10.16 -10.43 15.06
CA LEU A 268 10.77 -9.72 16.19
C LEU A 268 9.64 -9.28 17.10
N PRO A 269 9.28 -10.08 18.10
CA PRO A 269 8.15 -9.74 18.97
C PRO A 269 8.32 -8.38 19.63
N GLU A 270 7.21 -7.64 19.70
CA GLU A 270 7.27 -6.25 20.15
C GLU A 270 7.70 -6.15 21.61
N GLY A 271 7.24 -7.05 22.45
CA GLY A 271 7.57 -7.05 23.86
C GLY A 271 8.75 -7.90 24.23
N SER A 272 9.48 -8.42 23.24
CA SER A 272 10.67 -9.22 23.50
C SER A 272 11.88 -8.32 23.75
N GLU A 273 12.96 -8.92 24.24
CA GLU A 273 14.19 -8.21 24.54
C GLU A 273 15.14 -8.30 23.36
N TYR A 274 15.73 -7.16 22.98
CA TYR A 274 16.69 -7.12 21.90
C TYR A 274 17.48 -5.82 21.99
N THR A 275 18.61 -5.79 21.31
CA THR A 275 19.51 -4.64 21.33
C THR A 275 19.20 -3.71 20.17
N ILE A 276 19.03 -2.43 20.47
CA ILE A 276 18.77 -1.43 19.45
C ILE A 276 20.05 -0.78 18.96
N ALA A 277 20.93 -0.39 19.87
CA ALA A 277 22.22 0.21 19.50
C ALA A 277 23.27 -0.18 20.52
N THR A 278 24.52 -0.17 20.08
CA THR A 278 25.67 -0.50 20.93
C THR A 278 26.57 0.72 21.05
N PHE A 279 27.05 0.97 22.26
CA PHE A 279 27.90 2.13 22.56
C PHE A 279 29.27 1.64 22.99
N LEU A 280 30.28 1.96 22.19
CA LEU A 280 31.68 1.67 22.53
C LEU A 280 32.30 2.96 23.05
N VAL A 281 32.43 3.05 24.37
CA VAL A 281 32.93 4.24 25.03
C VAL A 281 34.37 4.02 25.45
N GLU A 282 35.26 4.91 25.02
CA GLU A 282 36.69 4.74 25.24
C GLU A 282 37.35 6.10 25.31
N GLY A 283 38.23 6.29 26.29
CA GLY A 283 38.93 7.54 26.46
C GLY A 283 38.12 8.57 27.21
N LYS A 284 38.78 9.69 27.51
CA LYS A 284 38.18 10.77 28.27
C LYS A 284 37.68 11.85 27.31
N GLY A 285 36.40 12.17 27.42
CA GLY A 285 35.82 13.23 26.62
C GLY A 285 35.46 14.43 27.47
N GLU A 286 34.29 15.03 27.23
CA GLU A 286 33.85 16.22 27.92
C GLU A 286 32.71 15.91 28.88
N ALA A 287 32.75 16.51 30.06
CA ALA A 287 31.63 16.49 30.99
C ALA A 287 30.80 17.74 30.80
N VAL A 288 29.48 17.57 30.76
CA VAL A 288 28.57 18.69 30.56
C VAL A 288 27.61 18.75 31.75
N PRO A 289 27.76 19.72 32.66
CA PRO A 289 26.86 19.81 33.81
C PRO A 289 25.45 20.18 33.39
N VAL A 290 24.47 19.46 33.94
CA VAL A 290 23.06 19.67 33.63
C VAL A 290 22.29 19.66 34.95
N GLU A 291 21.57 20.75 35.23
CA GLU A 291 20.66 20.81 36.35
C GLU A 291 19.54 21.81 36.08
N ALA A 292 19.93 23.03 35.72
CA ALA A 292 19.00 24.12 35.45
C ALA A 292 18.47 24.01 34.03
N LEU A 293 17.16 23.77 33.88
CA LEU A 293 16.50 23.69 32.57
C LEU A 293 16.01 25.07 32.16
N PRO A 294 16.14 25.42 30.87
CA PRO A 294 15.95 26.83 30.49
C PRO A 294 14.54 27.36 30.66
N ASP A 295 13.51 26.65 30.22
CA ASP A 295 12.20 27.22 30.46
C ASP A 295 11.21 26.19 31.00
N PRO A 296 10.59 26.46 32.15
CA PRO A 296 9.65 25.49 32.71
C PRO A 296 8.36 25.46 31.93
N PRO A 297 7.72 24.30 31.81
CA PRO A 297 6.45 24.23 31.09
C PRO A 297 5.38 25.02 31.82
N PRO A 298 4.46 25.64 31.09
CA PRO A 298 3.40 26.41 31.75
C PRO A 298 2.43 25.50 32.50
N GLU A 299 1.79 26.07 33.50
CA GLU A 299 0.81 25.32 34.27
C GLU A 299 -0.45 25.08 33.43
N PRO A 300 -1.05 23.90 33.50
CA PRO A 300 -2.26 23.63 32.73
C PRO A 300 -3.38 24.56 33.11
N PRO A 301 -4.12 25.08 32.14
CA PRO A 301 -5.27 25.94 32.44
C PRO A 301 -6.46 25.13 32.96
N LYS A 302 -7.35 25.84 33.65
CA LYS A 302 -8.52 25.20 34.22
C LYS A 302 -9.51 24.86 33.12
N PRO A 303 -9.85 23.58 32.92
CA PRO A 303 -10.82 23.25 31.89
C PRO A 303 -12.23 23.61 32.31
N THR A 304 -13.06 23.96 31.33
CA THR A 304 -14.45 24.30 31.55
C THR A 304 -15.42 23.27 31.01
N ARG A 305 -14.94 22.28 30.26
CA ARG A 305 -15.79 21.23 29.70
C ARG A 305 -15.03 19.93 29.70
N THR A 306 -15.73 18.83 29.99
CA THR A 306 -15.16 17.49 29.94
C THR A 306 -15.73 16.77 28.72
N ARG A 307 -14.84 16.20 27.91
CA ARG A 307 -15.21 15.54 26.66
C ARG A 307 -14.58 14.16 26.64
N ARG A 308 -15.41 13.14 26.45
CA ARG A 308 -14.96 11.75 26.49
C ARG A 308 -14.74 11.23 25.07
N PHE A 309 -13.66 10.46 24.90
CA PHE A 309 -13.32 9.86 23.62
C PHE A 309 -13.15 8.36 23.80
N ALA A 310 -13.85 7.59 22.98
CA ALA A 310 -13.81 6.14 23.04
C ALA A 310 -13.06 5.60 21.83
N LEU A 311 -12.04 4.78 22.07
CA LEU A 311 -11.24 4.17 21.03
C LEU A 311 -11.66 2.71 20.90
N SER A 312 -12.21 2.35 19.73
CA SER A 312 -12.77 1.03 19.52
C SER A 312 -12.40 0.53 18.13
N LEU A 313 -12.42 -0.79 17.99
CA LEU A 313 -12.30 -1.44 16.68
C LEU A 313 -13.71 -1.85 16.27
N SER A 314 -14.31 -1.07 15.37
CA SER A 314 -15.66 -1.34 14.88
C SER A 314 -15.54 -2.27 13.68
N GLY A 315 -15.56 -3.58 13.96
CA GLY A 315 -15.40 -4.56 12.91
C GLY A 315 -14.04 -4.47 12.26
N MET A 316 -13.97 -3.80 11.10
CA MET A 316 -12.73 -3.65 10.35
C MET A 316 -12.18 -2.23 10.40
N GLN A 317 -12.83 -1.32 11.11
CA GLN A 317 -12.51 0.11 11.05
C GLN A 317 -12.24 0.63 12.44
N TRP A 318 -11.03 1.11 12.68
CA TRP A 318 -10.73 1.78 13.94
C TRP A 318 -11.50 3.09 14.02
N THR A 319 -12.14 3.33 15.17
CA THR A 319 -13.02 4.48 15.33
C THR A 319 -12.66 5.26 16.57
N ILE A 320 -12.94 6.56 16.51
CA ILE A 320 -12.85 7.46 17.66
C ILE A 320 -14.27 7.99 17.88
N ASN A 321 -14.87 7.61 19.01
CA ASN A 321 -16.28 7.89 19.28
C ASN A 321 -17.16 7.35 18.15
N GLY A 322 -16.80 6.18 17.63
CA GLY A 322 -17.54 5.59 16.54
C GLY A 322 -17.36 6.26 15.20
N MET A 323 -16.53 7.29 15.11
CA MET A 323 -16.29 8.00 13.87
C MET A 323 -14.94 7.61 13.28
N SER A 324 -14.82 7.79 11.98
CA SER A 324 -13.56 7.60 11.26
C SER A 324 -13.45 8.68 10.20
N TRP A 325 -12.32 8.69 9.51
CA TRP A 325 -12.08 9.72 8.51
C TRP A 325 -13.05 9.56 7.34
N ASN A 326 -13.61 10.68 6.89
CA ASN A 326 -14.50 10.71 5.73
C ASN A 326 -13.65 11.10 4.53
N ALA A 327 -13.26 10.11 3.74
CA ALA A 327 -12.42 10.37 2.57
C ALA A 327 -13.15 11.19 1.51
N SER A 328 -14.47 11.02 1.39
CA SER A 328 -15.22 11.78 0.40
C SER A 328 -15.29 13.26 0.75
N ASN A 329 -15.29 13.60 2.03
CA ASN A 329 -15.41 14.99 2.50
C ASN A 329 -14.37 15.21 3.59
N PRO A 330 -13.13 15.51 3.21
CA PRO A 330 -12.07 15.71 4.21
C PRO A 330 -12.31 16.89 5.13
N LEU A 331 -13.18 17.82 4.76
CA LEU A 331 -13.50 18.96 5.61
C LEU A 331 -14.65 18.68 6.58
N PHE A 332 -15.08 17.43 6.69
CA PHE A 332 -16.16 17.10 7.61
C PHE A 332 -15.75 17.37 9.04
N GLU A 333 -16.60 18.08 9.77
CA GLU A 333 -16.29 18.53 11.13
C GLU A 333 -16.83 17.50 12.11
N HIS A 334 -15.96 16.57 12.51
CA HIS A 334 -16.37 15.49 13.41
C HIS A 334 -16.68 16.03 14.80
N VAL A 335 -15.79 16.85 15.35
CA VAL A 335 -15.92 17.37 16.70
C VAL A 335 -15.69 18.88 16.67
N SER A 336 -16.62 19.63 17.25
CA SER A 336 -16.51 21.08 17.38
C SER A 336 -16.15 21.43 18.81
N VAL A 337 -15.07 22.19 18.98
CA VAL A 337 -14.51 22.48 20.29
C VAL A 337 -14.44 24.00 20.48
N GLU A 338 -14.23 24.41 21.73
CA GLU A 338 -14.08 25.81 22.07
C GLU A 338 -13.48 25.93 23.47
N GLY A 339 -12.45 26.75 23.62
CA GLY A 339 -11.91 27.06 24.93
C GLY A 339 -11.03 25.95 25.49
N VAL A 340 -10.92 25.95 26.81
CA VAL A 340 -10.09 25.00 27.54
C VAL A 340 -10.93 23.76 27.85
N GLU A 341 -10.54 22.62 27.28
CA GLU A 341 -11.28 21.38 27.44
C GLU A 341 -10.42 20.32 28.11
N LEU A 342 -11.10 19.44 28.86
CA LEU A 342 -10.48 18.27 29.47
C LEU A 342 -10.98 17.03 28.73
N TRP A 343 -10.07 16.29 28.10
CA TRP A 343 -10.42 15.16 27.28
C TRP A 343 -10.16 13.86 28.03
N GLU A 344 -11.21 13.05 28.21
CA GLU A 344 -11.09 11.71 28.76
C GLU A 344 -10.98 10.73 27.59
N ILE A 345 -9.74 10.33 27.28
CA ILE A 345 -9.51 9.36 26.21
C ILE A 345 -9.48 7.98 26.84
N VAL A 346 -10.45 7.15 26.49
CA VAL A 346 -10.66 5.84 27.09
C VAL A 346 -10.48 4.79 26.01
N ASN A 347 -9.54 3.87 26.22
CA ASN A 347 -9.28 2.79 25.29
C ASN A 347 -10.02 1.54 25.73
N ASP A 348 -10.59 0.82 24.77
CA ASP A 348 -11.30 -0.42 25.07
C ASP A 348 -10.34 -1.47 25.61
N LYS A 349 -10.88 -2.39 26.41
CA LYS A 349 -10.10 -3.57 26.77
C LYS A 349 -9.82 -4.44 25.55
N ALA A 350 -10.83 -4.59 24.69
CA ALA A 350 -10.68 -5.34 23.44
C ALA A 350 -10.13 -4.42 22.35
N SER A 351 -8.89 -4.00 22.56
CA SER A 351 -8.22 -3.06 21.67
C SER A 351 -6.72 -3.31 21.77
N MET A 352 -5.94 -2.33 21.35
CA MET A 352 -4.49 -2.37 21.47
C MET A 352 -3.98 -0.97 21.78
N THR A 353 -2.66 -0.82 21.84
CA THR A 353 -2.07 0.47 22.19
C THR A 353 -2.29 1.47 21.06
N HIS A 354 -2.61 2.70 21.45
CA HIS A 354 -2.86 3.78 20.49
C HIS A 354 -2.05 5.00 20.86
N PRO A 355 -1.01 5.34 20.11
CA PRO A 355 -0.36 6.65 20.30
C PRO A 355 -1.15 7.78 19.67
N VAL A 356 -2.12 8.34 20.40
CA VAL A 356 -3.00 9.35 19.82
C VAL A 356 -2.29 10.70 19.82
N HIS A 357 -2.59 11.50 18.80
CA HIS A 357 -1.88 12.76 18.57
C HIS A 357 -2.86 13.80 18.05
N LEU A 358 -2.76 15.02 18.58
CA LEU A 358 -3.65 16.11 18.23
C LEU A 358 -2.85 17.25 17.60
N HIS A 359 -3.29 17.68 16.41
CA HIS A 359 -2.65 18.77 15.70
C HIS A 359 -3.00 20.12 16.32
N GLY A 360 -2.13 21.10 16.08
CA GLY A 360 -2.44 22.49 16.35
C GLY A 360 -2.31 22.96 17.78
N PHE A 361 -2.51 22.06 18.74
CA PHE A 361 -2.54 22.46 20.14
C PHE A 361 -1.79 21.44 21.00
N PRO A 362 -0.91 21.90 21.89
CA PRO A 362 -0.26 20.99 22.83
C PRO A 362 -1.25 20.49 23.88
N MET A 363 -0.83 19.46 24.61
CA MET A 363 -1.67 18.85 25.62
C MET A 363 -0.92 18.71 26.93
N TRP A 364 -1.56 19.09 28.04
CA TRP A 364 -1.09 18.77 29.37
C TRP A 364 -1.68 17.42 29.77
N ILE A 365 -0.82 16.49 30.19
CA ILE A 365 -1.28 15.21 30.70
C ILE A 365 -1.69 15.39 32.17
N ILE A 366 -2.88 14.89 32.51
CA ILE A 366 -3.46 15.10 33.83
C ILE A 366 -3.48 13.83 34.66
N GLU A 367 -3.81 12.70 34.05
CA GLU A 367 -4.05 11.50 34.84
C GLU A 367 -4.05 10.27 33.95
N ARG A 368 -3.50 9.17 34.49
CA ARG A 368 -3.65 7.84 33.91
C ARG A 368 -4.33 6.97 34.95
N LYS A 369 -5.50 6.44 34.61
CA LYS A 369 -6.16 5.48 35.48
C LYS A 369 -6.42 4.20 34.69
N ASP A 370 -6.48 3.08 35.43
CA ASP A 370 -6.63 1.75 34.85
C ASP A 370 -5.48 1.43 33.89
N SER A 371 -4.29 1.94 34.18
CA SER A 371 -3.12 1.57 33.41
C SER A 371 -2.72 0.14 33.74
N PRO A 372 -2.11 -0.57 32.80
CA PRO A 372 -1.58 -1.89 33.12
C PRO A 372 -0.50 -1.81 34.18
N ARG A 373 -0.24 -2.96 34.82
CA ARG A 373 0.71 -2.99 35.93
C ARG A 373 2.10 -2.54 35.49
N GLN A 374 2.54 -2.98 34.32
CA GLN A 374 3.85 -2.59 33.82
C GLN A 374 3.96 -1.08 33.64
N VAL A 375 2.86 -0.40 33.36
CA VAL A 375 2.88 1.05 33.20
C VAL A 375 2.77 1.74 34.55
N ALA A 376 1.83 1.29 35.40
CA ALA A 376 1.63 1.91 36.70
C ALA A 376 2.89 1.81 37.56
N GLU A 377 3.71 0.78 37.35
CA GLU A 377 4.94 0.63 38.12
C GLU A 377 5.95 1.73 37.80
N LEU A 378 5.80 2.43 36.68
CA LEU A 378 6.73 3.46 36.26
C LEU A 378 6.26 4.88 36.61
N ALA A 379 5.03 5.03 37.09
CA ALA A 379 4.48 6.34 37.39
C ALA A 379 5.28 7.02 38.51
N VAL A 380 5.13 8.34 38.61
CA VAL A 380 5.92 9.12 39.55
C VAL A 380 5.06 10.06 40.38
N ASP A 381 3.73 9.90 40.33
CA ASP A 381 2.86 10.70 41.18
C ASP A 381 1.55 9.95 41.42
N ASN A 382 0.70 10.55 42.25
CA ASN A 382 -0.55 9.94 42.68
C ASN A 382 -1.65 9.98 41.61
N ARG A 383 -1.35 10.53 40.43
CA ARG A 383 -2.28 10.48 39.31
C ARG A 383 -1.79 9.54 38.21
N GLY A 384 -0.88 8.63 38.55
CA GLY A 384 -0.41 7.63 37.63
C GLY A 384 0.39 8.17 36.45
N ARG A 385 0.93 9.38 36.56
CA ARG A 385 1.60 10.01 35.43
C ARG A 385 3.03 9.51 35.31
N LEU A 386 3.40 9.10 34.10
CA LEU A 386 4.76 8.70 33.80
C LEU A 386 5.66 9.94 33.75
N PRO A 387 6.98 9.75 33.85
CA PRO A 387 7.89 10.91 33.71
C PRO A 387 7.66 11.71 32.44
N THR A 388 7.33 11.05 31.33
CA THR A 388 7.06 11.77 30.09
C THR A 388 5.75 12.55 30.15
N ASP A 389 4.81 12.15 31.02
CA ASP A 389 3.57 12.90 31.18
C ASP A 389 3.78 14.24 31.88
N LEU A 390 4.88 14.39 32.62
CA LEU A 390 5.12 15.60 33.40
C LEU A 390 5.61 16.77 32.55
N GLY A 391 5.69 16.60 31.23
CA GLY A 391 6.03 17.67 30.34
C GLY A 391 4.89 17.93 29.35
N LEU A 392 5.02 19.04 28.62
CA LEU A 392 4.04 19.37 27.60
C LEU A 392 4.18 18.40 26.42
N LYS A 393 3.06 17.81 26.01
CA LYS A 393 3.07 16.71 25.06
C LYS A 393 2.23 17.04 23.83
N ASP A 394 2.39 16.22 22.80
CA ASP A 394 1.46 16.21 21.68
C ASP A 394 1.12 14.81 21.19
N THR A 395 1.77 13.76 21.71
CA THR A 395 1.48 12.38 21.36
C THR A 395 1.57 11.55 22.63
N VAL A 396 0.44 11.02 23.09
CA VAL A 396 0.38 10.27 24.34
C VAL A 396 -0.10 8.86 24.04
N LEU A 397 0.53 7.88 24.69
CA LEU A 397 0.19 6.47 24.49
C LEU A 397 -0.91 6.07 25.47
N ILE A 398 -1.93 5.39 24.96
CA ILE A 398 -3.05 4.90 25.76
C ILE A 398 -3.12 3.39 25.59
N TRP A 399 -3.12 2.68 26.70
CA TRP A 399 -3.12 1.23 26.72
C TRP A 399 -4.55 0.69 26.75
N PRO A 400 -4.75 -0.54 26.32
CA PRO A 400 -6.10 -1.13 26.37
C PRO A 400 -6.67 -1.11 27.78
N GLY A 401 -7.89 -0.61 27.90
CA GLY A 401 -8.53 -0.47 29.19
C GLY A 401 -8.11 0.75 29.99
N GLU A 402 -7.16 1.53 29.49
CA GLU A 402 -6.65 2.68 30.22
C GLU A 402 -7.41 3.95 29.85
N THR A 403 -7.51 4.87 30.81
CA THR A 403 -8.06 6.20 30.59
C THR A 403 -6.96 7.22 30.82
N VAL A 404 -6.79 8.12 29.86
CA VAL A 404 -5.82 9.21 29.95
C VAL A 404 -6.57 10.52 29.83
N LYS A 405 -6.44 11.37 30.84
CA LYS A 405 -7.08 12.68 30.87
C LYS A 405 -6.07 13.75 30.49
N ILE A 406 -6.41 14.57 29.50
CA ILE A 406 -5.54 15.64 29.04
C ILE A 406 -6.33 16.94 29.05
N VAL A 407 -5.60 18.05 29.03
CA VAL A 407 -6.18 19.39 28.96
C VAL A 407 -5.65 20.05 27.70
N VAL A 408 -6.56 20.63 26.90
CA VAL A 408 -6.21 21.33 25.68
C VAL A 408 -6.88 22.69 25.69
N ASN A 409 -6.14 23.73 25.30
CA ASN A 409 -6.65 25.09 25.22
C ASN A 409 -6.87 25.42 23.75
N PHE A 410 -8.11 25.30 23.30
CA PHE A 410 -8.49 25.63 21.92
C PHE A 410 -8.71 27.13 21.83
N ASP A 411 -7.63 27.85 21.56
CA ASP A 411 -7.69 29.31 21.52
C ASP A 411 -8.62 29.78 20.40
N ALA A 412 -9.26 30.93 20.63
CA ALA A 412 -10.11 31.55 19.63
C ALA A 412 -9.32 32.08 18.43
N LYS A 413 -7.98 32.14 18.54
CA LYS A 413 -7.18 32.67 17.43
C LYS A 413 -7.21 31.74 16.23
N LYS A 414 -7.54 30.47 16.41
CA LYS A 414 -7.55 29.48 15.34
C LYS A 414 -8.98 29.01 15.04
N ARG A 415 -9.97 29.84 15.34
CA ARG A 415 -11.35 29.49 15.05
C ARG A 415 -11.60 29.47 13.55
N GLY A 416 -12.55 28.64 13.14
CA GLY A 416 -12.79 28.43 11.73
C GLY A 416 -11.82 27.50 11.05
N GLN A 417 -10.94 26.82 11.79
CA GLN A 417 -9.95 25.94 11.21
C GLN A 417 -10.19 24.51 11.67
N LEU A 418 -9.62 23.56 10.92
CA LEU A 418 -9.73 22.15 11.22
C LEU A 418 -8.36 21.60 11.59
N PHE A 419 -8.33 20.72 12.60
CA PHE A 419 -7.09 20.08 13.02
C PHE A 419 -7.32 18.59 13.23
N PRO A 420 -6.55 17.73 12.57
CA PRO A 420 -6.76 16.29 12.74
C PRO A 420 -6.42 15.83 14.15
N PHE A 421 -7.18 14.84 14.61
CA PHE A 421 -6.92 14.13 15.86
C PHE A 421 -6.98 12.64 15.53
N HIS A 422 -5.82 11.99 15.57
CA HIS A 422 -5.70 10.64 15.04
C HIS A 422 -4.70 9.85 15.88
N CYS A 423 -4.72 8.54 15.68
CA CYS A 423 -3.69 7.67 16.23
C CYS A 423 -2.47 7.70 15.33
N HIS A 424 -1.29 7.72 15.93
CA HIS A 424 -0.06 7.80 15.15
C HIS A 424 0.49 6.42 14.79
N ASN A 425 -0.27 5.37 15.04
CA ASN A 425 -0.07 4.09 14.36
C ASN A 425 -0.45 4.29 12.91
N LEU A 426 0.55 4.35 12.02
CA LEU A 426 0.29 4.80 10.66
C LEU A 426 -0.63 3.85 9.90
N GLU A 427 -0.65 2.56 10.27
CA GLU A 427 -1.64 1.67 9.69
C GLU A 427 -3.05 2.02 10.16
N HIS A 428 -3.19 2.40 11.44
CA HIS A 428 -4.49 2.82 11.94
C HIS A 428 -4.94 4.12 11.31
N GLU A 429 -4.02 5.07 11.15
CA GLU A 429 -4.38 6.36 10.55
C GLU A 429 -4.77 6.21 9.09
N ASP A 430 -3.95 5.49 8.32
CA ASP A 430 -4.29 5.25 6.91
C ASP A 430 -5.61 4.51 6.79
N GLY A 431 -5.89 3.61 7.74
CA GLY A 431 -7.17 2.92 7.75
C GLY A 431 -8.35 3.82 8.06
N GLY A 432 -8.10 5.02 8.58
CA GLY A 432 -9.15 5.99 8.79
C GLY A 432 -9.36 6.43 10.22
N MET A 433 -8.49 6.00 11.14
CA MET A 433 -8.62 6.41 12.54
C MET A 433 -8.12 7.84 12.69
N MET A 434 -8.92 8.76 12.17
CA MET A 434 -8.58 10.18 12.14
C MET A 434 -9.89 10.97 12.02
N ILE A 435 -9.99 12.04 12.81
CA ILE A 435 -11.17 12.90 12.80
C ILE A 435 -10.73 14.36 12.80
N ASN A 436 -11.60 15.22 12.27
CA ASN A 436 -11.35 16.65 12.27
C ASN A 436 -11.84 17.27 13.57
N ILE A 437 -10.98 18.06 14.20
CA ILE A 437 -11.35 18.87 15.35
C ILE A 437 -11.55 20.30 14.84
N ALA A 438 -12.80 20.77 14.86
CA ALA A 438 -13.16 22.08 14.33
C ALA A 438 -13.20 23.08 15.47
N VAL A 439 -12.36 24.11 15.39
CA VAL A 439 -12.33 25.14 16.42
C VAL A 439 -13.39 26.18 16.11
N LYS A 440 -14.30 26.39 17.05
CA LYS A 440 -15.37 27.37 16.88
C LYS A 440 -15.01 28.71 17.51
N THR B 1 -10.41 10.19 -38.25
CA THR B 1 -10.72 9.07 -37.36
C THR B 1 -9.60 8.87 -36.34
N SER B 2 -9.98 8.55 -35.11
CA SER B 2 -9.02 8.39 -34.01
C SER B 2 -9.36 7.14 -33.21
N ALA B 3 -8.36 6.28 -33.01
CA ALA B 3 -8.51 5.06 -32.22
C ALA B 3 -7.33 4.95 -31.27
N PRO B 4 -7.47 5.46 -30.04
CA PRO B 4 -6.34 5.46 -29.11
C PRO B 4 -6.01 4.07 -28.57
N VAL B 5 -4.89 3.51 -29.01
CA VAL B 5 -4.45 2.20 -28.57
C VAL B 5 -3.00 2.30 -28.11
N PRO B 6 -2.53 1.33 -27.33
CA PRO B 6 -1.13 1.38 -26.90
C PRO B 6 -0.21 1.32 -28.10
N PRO B 7 0.97 1.92 -27.99
CA PRO B 7 1.95 1.83 -29.08
C PRO B 7 2.50 0.41 -29.21
N LEU B 8 3.14 0.17 -30.36
CA LEU B 8 3.69 -1.13 -30.68
C LEU B 8 5.21 -1.14 -30.57
N ILE B 9 5.75 -2.30 -30.25
CA ILE B 9 7.16 -2.61 -30.48
C ILE B 9 7.22 -4.08 -30.91
N LYS B 10 8.00 -4.36 -31.95
CA LYS B 10 8.17 -5.72 -32.43
C LYS B 10 9.33 -6.33 -31.64
N GLU B 11 8.98 -7.20 -30.70
CA GLU B 11 9.91 -7.75 -29.70
C GLU B 11 10.38 -6.66 -28.74
N ALA B 12 10.82 -7.07 -27.56
CA ALA B 12 11.31 -6.15 -26.55
C ALA B 12 12.67 -6.63 -26.08
N THR B 13 13.66 -5.75 -26.12
CA THR B 13 15.01 -6.06 -25.68
C THR B 13 15.23 -5.66 -24.23
N TYR B 14 14.78 -4.47 -23.85
CA TYR B 14 15.14 -3.85 -22.57
C TYR B 14 13.90 -3.17 -22.02
N ILE B 15 13.45 -3.61 -20.85
CA ILE B 15 12.26 -3.05 -20.20
C ILE B 15 12.66 -2.55 -18.83
N GLU B 16 12.29 -1.31 -18.52
CA GLU B 16 12.50 -0.72 -17.21
C GLU B 16 11.19 -0.70 -16.43
N ALA B 17 11.21 -1.26 -15.22
CA ALA B 17 10.07 -1.16 -14.32
C ALA B 17 10.16 0.16 -13.57
N THR B 18 9.30 1.11 -13.93
CA THR B 18 9.25 2.41 -13.30
C THR B 18 7.91 2.60 -12.58
N ALA B 19 7.90 3.56 -11.66
CA ALA B 19 6.70 3.82 -10.86
C ALA B 19 5.49 4.18 -11.71
N SER B 20 5.71 4.70 -12.91
CA SER B 20 4.63 5.08 -13.81
C SER B 20 4.33 4.03 -14.87
N GLY B 21 4.99 2.87 -14.82
CA GLY B 21 4.80 1.82 -15.78
C GLY B 21 6.10 1.36 -16.38
N TYR B 22 6.00 0.48 -17.37
CA TYR B 22 7.16 -0.10 -18.01
C TYR B 22 7.65 0.80 -19.13
N MET B 23 8.92 1.19 -19.07
CA MET B 23 9.58 1.92 -20.15
C MET B 23 10.38 0.91 -20.95
N ALA B 24 9.81 0.43 -22.05
CA ALA B 24 10.45 -0.56 -22.91
C ALA B 24 10.96 0.15 -24.16
N GLU B 25 12.28 0.28 -24.25
CA GLU B 25 12.94 0.87 -25.42
C GLU B 25 12.44 2.29 -25.69
N GLY B 26 12.04 3.01 -24.65
CA GLY B 26 11.66 4.40 -24.77
C GLY B 26 10.18 4.69 -24.77
N VAL B 27 9.33 3.67 -24.96
CA VAL B 27 7.88 3.87 -24.98
C VAL B 27 7.27 3.28 -23.73
N LEU B 28 6.15 3.87 -23.30
CA LEU B 28 5.50 3.52 -22.05
C LEU B 28 4.45 2.45 -22.29
N ASN B 29 4.61 1.30 -21.62
CA ASN B 29 3.67 0.19 -21.69
C ASN B 29 3.23 -0.16 -23.10
N PRO B 30 4.16 -0.43 -24.02
CA PRO B 30 3.78 -0.75 -25.39
C PRO B 30 3.27 -2.18 -25.51
N THR B 31 2.53 -2.41 -26.58
CA THR B 31 2.11 -3.77 -26.93
C THR B 31 3.26 -4.47 -27.64
N ILE B 32 3.76 -5.54 -27.04
CA ILE B 32 4.88 -6.30 -27.59
C ILE B 32 4.33 -7.37 -28.53
N ILE B 33 4.82 -7.37 -29.77
CA ILE B 33 4.42 -8.34 -30.77
C ILE B 33 5.50 -9.39 -30.91
N LEU B 34 5.13 -10.66 -30.75
CA LEU B 34 6.04 -11.78 -30.86
C LEU B 34 5.49 -12.79 -31.86
N ARG B 35 6.39 -13.46 -32.57
CA ARG B 35 6.03 -14.55 -33.45
C ARG B 35 6.08 -15.87 -32.68
N ARG B 36 5.06 -16.70 -32.87
CA ARG B 36 5.05 -18.01 -32.23
C ARG B 36 6.23 -18.84 -32.72
N GLY B 37 6.98 -19.41 -31.78
CA GLY B 37 8.17 -20.17 -32.08
C GLY B 37 9.47 -19.39 -31.99
N GLN B 38 9.40 -18.07 -31.87
CA GLN B 38 10.61 -17.25 -31.85
C GLN B 38 11.25 -17.30 -30.47
N ARG B 39 12.49 -16.82 -30.41
CA ARG B 39 13.22 -16.68 -29.15
C ARG B 39 13.00 -15.28 -28.59
N VAL B 40 12.64 -15.21 -27.31
CA VAL B 40 12.54 -13.94 -26.61
C VAL B 40 13.75 -13.80 -25.70
N ASP B 41 14.47 -12.69 -25.86
CA ASP B 41 15.59 -12.35 -24.97
C ASP B 41 15.39 -10.90 -24.54
N MET B 42 14.84 -10.71 -23.35
CA MET B 42 14.56 -9.38 -22.84
C MET B 42 15.13 -9.23 -21.44
N THR B 43 15.68 -8.05 -21.14
CA THR B 43 16.29 -7.75 -19.86
C THR B 43 15.42 -6.75 -19.12
N LEU B 44 15.02 -7.10 -17.90
CA LEU B 44 14.25 -6.23 -17.03
C LEU B 44 15.18 -5.56 -16.04
N LYS B 45 15.08 -4.23 -15.94
CA LYS B 45 15.80 -3.47 -14.92
C LYS B 45 14.81 -2.87 -13.94
N ASN B 46 15.09 -3.05 -12.66
CA ASN B 46 14.24 -2.53 -11.59
C ASN B 46 14.62 -1.07 -11.34
N LYS B 47 13.73 -0.15 -11.71
CA LYS B 47 13.92 1.27 -11.45
C LYS B 47 13.00 1.76 -10.35
N LEU B 48 12.49 0.86 -9.51
CA LEU B 48 11.63 1.22 -8.40
C LEU B 48 12.45 1.36 -7.12
N THR B 49 11.76 1.73 -6.04
CA THR B 49 12.35 1.77 -4.71
C THR B 49 11.97 0.56 -3.87
N GLU B 50 11.49 -0.50 -4.52
CA GLU B 50 11.06 -1.72 -3.87
C GLU B 50 11.26 -2.87 -4.85
N PRO B 51 11.28 -4.11 -4.38
CA PRO B 51 11.47 -5.23 -5.31
C PRO B 51 10.32 -5.37 -6.29
N THR B 52 10.60 -6.06 -7.39
CA THR B 52 9.57 -6.40 -8.36
C THR B 52 10.08 -7.51 -9.26
N ILE B 53 9.17 -8.04 -10.08
CA ILE B 53 9.47 -9.07 -11.06
C ILE B 53 8.37 -9.05 -12.10
N VAL B 54 8.73 -9.33 -13.35
CA VAL B 54 7.77 -9.32 -14.45
C VAL B 54 7.21 -10.72 -14.62
N HIS B 55 5.88 -10.82 -14.70
CA HIS B 55 5.19 -12.07 -15.01
C HIS B 55 4.63 -12.00 -16.42
N TRP B 56 4.98 -12.99 -17.25
CA TRP B 56 4.43 -13.13 -18.59
C TRP B 56 3.12 -13.91 -18.47
N HIS B 57 2.02 -13.18 -18.28
CA HIS B 57 0.74 -13.80 -17.95
C HIS B 57 0.26 -14.73 -19.06
N GLY B 58 0.11 -16.01 -18.73
CA GLY B 58 -0.42 -16.99 -19.64
C GLY B 58 0.62 -17.67 -20.52
N PHE B 59 1.90 -17.44 -20.28
CA PHE B 59 2.95 -18.01 -21.12
C PHE B 59 3.38 -19.38 -20.59
N ASP B 60 3.73 -20.26 -21.53
CA ASP B 60 4.17 -21.62 -21.22
C ASP B 60 5.71 -21.60 -21.18
N VAL B 61 6.24 -21.11 -20.05
CA VAL B 61 7.67 -21.01 -19.84
C VAL B 61 8.00 -21.61 -18.48
N ASN B 62 9.28 -21.96 -18.30
CA ASN B 62 9.71 -22.49 -17.01
C ASN B 62 9.69 -21.38 -15.96
N TRP B 63 9.71 -21.78 -14.70
CA TRP B 63 9.45 -20.84 -13.61
C TRP B 63 10.54 -19.77 -13.48
N HIS B 64 11.72 -19.99 -14.05
CA HIS B 64 12.72 -18.92 -14.06
C HIS B 64 12.32 -17.79 -14.99
N ASN B 65 11.59 -18.10 -16.06
CA ASN B 65 11.08 -17.11 -17.00
C ASN B 65 9.63 -16.73 -16.73
N ASP B 66 8.99 -17.36 -15.74
CA ASP B 66 7.57 -17.13 -15.49
C ASP B 66 7.27 -15.66 -15.20
N ALA B 67 7.97 -15.04 -14.24
CA ALA B 67 8.94 -15.61 -13.32
C ALA B 67 8.32 -15.78 -11.94
N HIS B 68 8.70 -16.84 -11.24
CA HIS B 68 8.17 -17.09 -9.91
C HIS B 68 8.44 -15.90 -9.01
N PRO B 69 7.48 -15.52 -8.15
CA PRO B 69 7.66 -14.32 -7.33
C PRO B 69 8.90 -14.33 -6.46
N SER B 70 9.44 -15.51 -6.12
CA SER B 70 10.65 -15.58 -5.30
C SER B 70 11.88 -15.03 -6.01
N PHE B 71 11.82 -14.84 -7.32
CA PHE B 71 12.93 -14.29 -8.10
C PHE B 71 12.89 -12.77 -8.23
N ALA B 72 12.08 -12.09 -7.42
CA ALA B 72 12.00 -10.64 -7.49
C ALA B 72 13.36 -10.02 -7.24
N ILE B 73 13.70 -9.03 -8.07
CA ILE B 73 14.99 -8.36 -8.00
C ILE B 73 14.84 -7.06 -7.23
N THR B 74 15.91 -6.66 -6.56
CA THR B 74 15.91 -5.46 -5.72
C THR B 74 16.11 -4.21 -6.56
N PRO B 75 15.84 -3.02 -5.99
CA PRO B 75 16.07 -1.77 -6.74
C PRO B 75 17.46 -1.65 -7.31
N GLY B 76 17.56 -1.47 -8.63
CA GLY B 76 18.82 -1.34 -9.31
C GLY B 76 19.29 -2.60 -10.02
N GLU B 77 18.80 -3.77 -9.61
CA GLU B 77 19.26 -5.02 -10.19
C GLU B 77 18.57 -5.28 -11.53
N SER B 78 18.99 -6.35 -12.19
CA SER B 78 18.49 -6.71 -13.51
C SER B 78 18.12 -8.18 -13.54
N TYR B 79 17.26 -8.52 -14.49
CA TYR B 79 16.80 -9.90 -14.67
C TYR B 79 16.68 -10.18 -16.15
N ASN B 80 17.33 -11.24 -16.62
CA ASN B 80 17.32 -11.61 -18.03
C ASN B 80 16.32 -12.73 -18.26
N TYR B 81 15.36 -12.48 -19.14
CA TYR B 81 14.44 -13.50 -19.61
C TYR B 81 14.94 -14.09 -20.92
N SER B 82 14.81 -15.41 -21.06
CA SER B 82 15.22 -16.08 -22.29
C SER B 82 14.38 -17.34 -22.42
N PHE B 83 13.49 -17.37 -23.40
CA PHE B 83 12.62 -18.51 -23.59
C PHE B 83 12.13 -18.53 -25.03
N ASP B 84 11.58 -19.68 -25.42
CA ASP B 84 10.90 -19.82 -26.69
C ASP B 84 9.41 -19.56 -26.49
N VAL B 85 8.79 -18.89 -27.45
CA VAL B 85 7.35 -18.60 -27.40
C VAL B 85 6.63 -19.80 -28.00
N VAL B 86 5.96 -20.57 -27.15
CA VAL B 86 5.20 -21.74 -27.58
C VAL B 86 3.71 -21.56 -27.37
N ASN B 87 3.27 -20.37 -27.01
CA ASN B 87 1.85 -20.11 -26.80
C ASN B 87 1.15 -19.90 -28.13
N ARG B 88 -0.11 -20.29 -28.19
CA ARG B 88 -0.92 -20.05 -29.37
C ARG B 88 -1.09 -18.55 -29.59
N ALA B 89 -1.43 -18.19 -30.82
CA ALA B 89 -1.71 -16.80 -31.14
C ALA B 89 -2.84 -16.27 -30.27
N GLY B 90 -2.53 -15.25 -29.47
CA GLY B 90 -3.52 -14.69 -28.58
C GLY B 90 -3.06 -13.37 -28.02
N THR B 91 -3.85 -12.84 -27.09
CA THR B 91 -3.57 -11.58 -26.42
C THR B 91 -3.21 -11.87 -24.98
N TYR B 92 -1.98 -11.57 -24.59
CA TYR B 92 -1.46 -11.85 -23.26
C TYR B 92 -1.02 -10.56 -22.58
N LEU B 93 -0.51 -10.69 -21.36
CA LEU B 93 -0.14 -9.55 -20.54
C LEU B 93 1.29 -9.68 -20.05
N TYR B 94 1.85 -8.55 -19.62
CA TYR B 94 3.05 -8.55 -18.79
C TYR B 94 2.89 -7.49 -17.71
N HIS B 95 3.04 -7.90 -16.46
CA HIS B 95 2.72 -7.06 -15.31
C HIS B 95 3.57 -7.53 -14.14
N PRO B 96 3.63 -6.74 -13.07
CA PRO B 96 4.47 -7.13 -11.92
C PRO B 96 3.91 -8.35 -11.22
N HIS B 97 4.78 -9.02 -10.47
CA HIS B 97 4.32 -10.10 -9.62
C HIS B 97 5.14 -10.28 -8.33
N PRO B 98 5.61 -9.23 -7.66
CA PRO B 98 6.21 -9.44 -6.34
C PRO B 98 5.13 -9.58 -5.29
N HIS B 99 5.32 -10.53 -4.37
CA HIS B 99 4.30 -10.80 -3.38
C HIS B 99 4.11 -9.60 -2.45
N GLY B 100 2.85 -9.22 -2.23
CA GLY B 100 2.51 -8.13 -1.35
C GLY B 100 2.67 -6.75 -1.94
N LEU B 101 3.31 -6.62 -3.10
CA LEU B 101 3.53 -5.32 -3.73
C LEU B 101 2.93 -5.23 -5.12
N THR B 102 2.24 -6.28 -5.59
CA THR B 102 1.82 -6.32 -6.98
C THR B 102 0.70 -5.33 -7.27
N ALA B 103 -0.27 -5.23 -6.36
CA ALA B 103 -1.48 -4.45 -6.66
C ALA B 103 -1.16 -3.00 -6.95
N LYS B 104 -0.30 -2.38 -6.14
CA LYS B 104 -0.04 -0.95 -6.33
C LYS B 104 0.84 -0.71 -7.57
N GLN B 105 1.83 -1.58 -7.81
CA GLN B 105 2.65 -1.43 -9.01
C GLN B 105 1.80 -1.61 -10.27
N PHE B 106 0.92 -2.61 -10.25
CA PHE B 106 -0.04 -2.81 -11.34
C PHE B 106 -0.94 -1.58 -11.48
N TYR B 107 -1.58 -1.18 -10.39
CA TYR B 107 -2.55 -0.08 -10.42
C TYR B 107 -1.92 1.22 -10.90
N MET B 108 -0.67 1.48 -10.52
CA MET B 108 -0.03 2.75 -10.81
C MET B 108 0.63 2.79 -12.19
N GLY B 109 0.45 1.76 -13.02
CA GLY B 109 0.82 1.88 -14.42
C GLY B 109 1.62 0.74 -15.02
N GLN B 110 2.13 -0.18 -14.21
CA GLN B 110 2.93 -1.28 -14.74
C GLN B 110 2.00 -2.36 -15.27
N LEU B 111 1.58 -2.20 -16.52
CA LEU B 111 0.79 -3.22 -17.21
C LEU B 111 0.90 -2.98 -18.71
N GLY B 112 1.14 -4.04 -19.46
CA GLY B 112 1.21 -3.95 -20.91
C GLY B 112 0.67 -5.20 -21.55
N LEU B 113 0.45 -5.12 -22.85
CA LEU B 113 -0.09 -6.23 -23.63
C LEU B 113 1.02 -6.91 -24.41
N VAL B 114 0.85 -8.22 -24.60
CA VAL B 114 1.69 -9.02 -25.50
C VAL B 114 0.78 -9.71 -26.49
N ILE B 115 1.09 -9.57 -27.78
CA ILE B 115 0.33 -10.21 -28.84
C ILE B 115 1.23 -11.23 -29.52
N VAL B 116 0.86 -12.50 -29.44
CA VAL B 116 1.54 -13.56 -30.16
C VAL B 116 0.84 -13.75 -31.49
N GLU B 117 1.61 -13.66 -32.58
CA GLU B 117 1.08 -13.82 -33.93
C GLU B 117 1.52 -15.15 -34.51
N ASP B 118 0.57 -15.88 -35.09
CA ASP B 118 0.84 -17.11 -35.83
C ASP B 118 0.43 -16.89 -37.29
N SER B 119 0.41 -17.98 -38.06
CA SER B 119 0.11 -17.92 -39.49
C SER B 119 -1.34 -17.47 -39.69
N GLY B 120 -1.52 -16.30 -40.29
CA GLY B 120 -2.85 -15.79 -40.57
C GLY B 120 -3.68 -15.46 -39.36
N SER B 121 -3.05 -15.14 -38.22
CA SER B 121 -3.78 -14.83 -37.01
C SER B 121 -4.42 -13.45 -37.04
N ASP B 122 -4.01 -12.57 -37.95
CA ASP B 122 -4.58 -11.22 -38.00
C ASP B 122 -5.98 -11.21 -38.60
N LEU B 123 -6.34 -12.24 -39.38
CA LEU B 123 -7.66 -12.35 -40.00
C LEU B 123 -8.00 -11.16 -40.88
N GLY B 124 -6.97 -10.51 -41.43
CA GLY B 124 -7.18 -9.36 -42.29
C GLY B 124 -7.36 -8.05 -41.58
N PHE B 125 -7.15 -8.00 -40.27
CA PHE B 125 -7.22 -6.76 -39.50
C PHE B 125 -5.83 -6.18 -39.30
N LYS B 126 -5.78 -4.88 -39.01
CA LYS B 126 -4.53 -4.16 -38.84
C LYS B 126 -4.53 -3.47 -37.47
N TYR B 127 -3.43 -3.61 -36.74
CA TYR B 127 -3.33 -3.04 -35.41
C TYR B 127 -3.49 -1.52 -35.45
N GLY B 128 -4.31 -0.99 -34.55
CA GLY B 128 -4.54 0.43 -34.45
C GLY B 128 -5.48 1.00 -35.49
N VAL B 129 -5.84 0.24 -36.51
CA VAL B 129 -6.80 0.68 -37.51
C VAL B 129 -8.15 0.06 -37.19
N ASN B 130 -8.30 -1.24 -37.45
CA ASN B 130 -9.50 -1.97 -37.11
C ASN B 130 -9.24 -3.15 -36.17
N ASP B 131 -8.00 -3.37 -35.75
CA ASP B 131 -7.66 -4.33 -34.70
C ASP B 131 -7.30 -3.49 -33.47
N LEU B 132 -8.27 -3.31 -32.58
CA LEU B 132 -8.16 -2.35 -31.49
C LEU B 132 -8.16 -3.04 -30.13
N PRO B 133 -7.05 -3.05 -29.41
CA PRO B 133 -7.08 -3.54 -28.03
C PRO B 133 -7.78 -2.54 -27.12
N LEU B 134 -8.71 -3.04 -26.30
CA LEU B 134 -9.46 -2.23 -25.35
C LEU B 134 -9.14 -2.73 -23.95
N VAL B 135 -8.15 -2.12 -23.31
CA VAL B 135 -7.77 -2.47 -21.95
C VAL B 135 -8.62 -1.65 -20.99
N ILE B 136 -9.56 -2.33 -20.33
CA ILE B 136 -10.54 -1.67 -19.48
C ILE B 136 -10.05 -1.74 -18.03
N SER B 137 -9.71 -0.59 -17.47
CA SER B 137 -9.28 -0.49 -16.08
C SER B 137 -10.11 0.59 -15.40
N ASP B 138 -10.05 0.61 -14.07
CA ASP B 138 -10.72 1.64 -13.29
C ASP B 138 -9.78 2.17 -12.22
N ARG B 139 -9.92 3.47 -11.93
CA ARG B 139 -9.04 4.18 -11.00
C ARG B 139 -9.88 5.01 -10.05
N ARG B 140 -9.38 5.20 -8.84
CA ARG B 140 -9.95 6.16 -7.90
C ARG B 140 -9.14 7.44 -7.99
N PHE B 141 -9.76 8.49 -8.53
CA PHE B 141 -9.12 9.79 -8.65
C PHE B 141 -9.53 10.67 -7.47
N ILE B 142 -8.54 11.29 -6.83
CA ILE B 142 -8.76 12.30 -5.80
C ILE B 142 -8.01 13.55 -6.24
N GLY B 143 -8.76 14.61 -6.54
CA GLY B 143 -8.15 15.80 -7.09
C GLY B 143 -7.49 15.57 -8.44
N GLY B 144 -8.13 14.77 -9.29
CA GLY B 144 -7.57 14.47 -10.60
C GLY B 144 -6.29 13.68 -10.59
N ALA B 145 -5.98 12.99 -9.50
CA ALA B 145 -4.77 12.19 -9.38
C ALA B 145 -5.15 10.77 -8.97
N PRO B 146 -4.76 9.75 -9.72
CA PRO B 146 -5.08 8.37 -9.32
C PRO B 146 -4.32 7.99 -8.05
N VAL B 147 -5.06 7.48 -7.07
CA VAL B 147 -4.51 7.10 -5.78
C VAL B 147 -4.88 5.65 -5.50
N TYR B 148 -4.01 4.97 -4.76
CA TYR B 148 -4.24 3.60 -4.31
C TYR B 148 -4.10 3.60 -2.79
N ASN B 149 -5.20 3.85 -2.10
CA ASN B 149 -5.25 3.96 -0.64
C ASN B 149 -6.33 3.03 -0.09
N PRO B 150 -6.14 1.71 -0.18
CA PRO B 150 -7.17 0.79 0.29
C PRO B 150 -7.26 0.78 1.80
N THR B 151 -8.49 0.76 2.30
CA THR B 151 -8.74 0.52 3.71
C THR B 151 -8.55 -0.96 4.00
N PRO B 152 -8.49 -1.36 5.28
CA PRO B 152 -8.46 -2.80 5.59
C PRO B 152 -9.56 -3.59 4.91
N MET B 153 -10.78 -3.03 4.89
CA MET B 153 -11.90 -3.72 4.25
C MET B 153 -11.72 -3.80 2.75
N GLU B 154 -11.15 -2.76 2.13
CA GLU B 154 -10.96 -2.78 0.68
C GLU B 154 -9.94 -3.82 0.27
N MET B 155 -8.97 -4.14 1.13
CA MET B 155 -8.05 -5.22 0.82
CA MET B 155 -8.04 -5.22 0.85
C MET B 155 -8.71 -6.59 0.94
N ILE B 156 -9.90 -6.67 1.52
CA ILE B 156 -10.64 -7.92 1.56
C ILE B 156 -11.52 -8.08 0.32
N ALA B 157 -12.19 -7.00 -0.09
CA ALA B 157 -13.15 -7.06 -1.18
C ALA B 157 -12.54 -6.68 -2.53
N GLY B 158 -11.48 -5.88 -2.52
CA GLY B 158 -10.92 -5.39 -3.77
C GLY B 158 -11.03 -3.88 -3.86
N PHE B 159 -10.08 -3.25 -4.55
CA PHE B 159 -10.04 -1.80 -4.68
C PHE B 159 -10.81 -1.40 -5.93
N LEU B 160 -11.95 -0.74 -5.74
CA LEU B 160 -12.79 -0.29 -6.84
C LEU B 160 -12.65 1.22 -7.00
N GLY B 161 -12.37 1.65 -8.23
CA GLY B 161 -12.25 3.06 -8.52
C GLY B 161 -13.59 3.71 -8.78
N ASN B 162 -13.53 5.03 -9.01
CA ASN B 162 -14.72 5.83 -9.29
C ASN B 162 -14.79 6.28 -10.74
N ALA B 163 -13.92 5.76 -11.61
CA ALA B 163 -13.92 6.10 -13.02
C ALA B 163 -13.30 4.95 -13.79
N VAL B 164 -13.82 4.71 -14.99
CA VAL B 164 -13.36 3.62 -15.85
C VAL B 164 -12.59 4.20 -17.01
N LEU B 165 -11.46 3.57 -17.34
CA LEU B 165 -10.60 4.01 -18.42
C LEU B 165 -10.54 2.93 -19.49
N VAL B 166 -10.31 3.36 -20.74
CA VAL B 166 -9.99 2.46 -21.83
C VAL B 166 -8.64 2.89 -22.37
N ASN B 167 -7.64 2.02 -22.22
CA ASN B 167 -6.26 2.34 -22.57
C ASN B 167 -5.80 3.62 -21.87
N GLY B 168 -6.15 3.73 -20.59
CA GLY B 168 -5.72 4.85 -19.77
C GLY B 168 -6.42 6.16 -20.06
N ILE B 169 -7.58 6.14 -20.71
CA ILE B 169 -8.29 7.34 -21.11
C ILE B 169 -9.67 7.34 -20.46
N LYS B 170 -9.98 8.41 -19.73
CA LYS B 170 -11.26 8.52 -19.03
C LYS B 170 -12.34 8.97 -19.99
N ASP B 171 -13.48 8.28 -19.96
CA ASP B 171 -14.60 8.54 -20.87
C ASP B 171 -14.12 8.50 -22.33
N ALA B 172 -13.40 7.42 -22.64
CA ALA B 172 -12.75 7.29 -23.94
C ALA B 172 -13.75 7.32 -25.08
N VAL B 173 -13.36 7.96 -26.18
CA VAL B 173 -14.16 8.02 -27.40
C VAL B 173 -13.33 7.44 -28.53
N PHE B 174 -13.99 6.69 -29.41
CA PHE B 174 -13.37 6.13 -30.60
C PHE B 174 -14.13 6.65 -31.81
N LYS B 175 -13.41 7.33 -32.71
CA LYS B 175 -13.99 7.86 -33.94
C LYS B 175 -13.53 6.97 -35.07
N LEU B 176 -14.47 6.19 -35.63
CA LEU B 176 -14.15 5.14 -36.57
C LEU B 176 -14.98 5.31 -37.84
N SER B 177 -14.46 4.75 -38.93
CA SER B 177 -15.23 4.60 -40.15
C SER B 177 -15.99 3.29 -40.13
N GLY B 178 -17.13 3.26 -40.81
CA GLY B 178 -18.00 2.10 -40.74
C GLY B 178 -17.36 0.87 -41.37
N GLY B 179 -17.36 -0.24 -40.65
CA GLY B 179 -16.81 -1.47 -41.19
C GLY B 179 -16.69 -2.53 -40.11
N SER B 180 -15.85 -3.53 -40.40
CA SER B 180 -15.58 -4.61 -39.46
C SER B 180 -14.47 -4.20 -38.50
N TYR B 181 -14.65 -4.53 -37.22
CA TYR B 181 -13.67 -4.19 -36.21
C TYR B 181 -13.44 -5.37 -35.29
N ARG B 182 -12.17 -5.68 -35.05
CA ARG B 182 -11.76 -6.73 -34.12
C ARG B 182 -11.34 -6.05 -32.82
N LEU B 183 -12.14 -6.25 -31.77
CA LEU B 183 -11.91 -5.63 -30.48
C LEU B 183 -11.37 -6.67 -29.52
N ARG B 184 -10.18 -6.41 -28.98
CA ARG B 184 -9.53 -7.30 -28.01
C ARG B 184 -9.83 -6.77 -26.62
N LEU B 185 -10.88 -7.29 -26.00
CA LEU B 185 -11.31 -6.85 -24.69
C LEU B 185 -10.38 -7.42 -23.62
N VAL B 186 -9.74 -6.54 -22.85
CA VAL B 186 -8.82 -6.93 -21.79
C VAL B 186 -9.21 -6.19 -20.52
N ASN B 187 -9.37 -6.92 -19.42
CA ASN B 187 -9.67 -6.33 -18.13
C ASN B 187 -8.35 -6.01 -17.43
N GLY B 188 -8.04 -4.73 -17.32
CA GLY B 188 -6.83 -4.31 -16.66
C GLY B 188 -7.07 -3.68 -15.30
N SER B 189 -8.18 -4.06 -14.66
CA SER B 189 -8.51 -3.56 -13.34
C SER B 189 -7.86 -4.42 -12.26
N ASN B 190 -7.80 -3.87 -11.05
CA ASN B 190 -7.30 -4.66 -9.92
C ASN B 190 -8.33 -5.67 -9.45
N ALA B 191 -9.63 -5.30 -9.47
CA ALA B 191 -10.65 -6.19 -8.91
C ALA B 191 -12.00 -6.05 -9.59
N ARG B 192 -12.23 -4.96 -10.32
CA ARG B 192 -13.56 -4.69 -10.86
C ARG B 192 -13.94 -5.70 -11.93
N LEU B 193 -15.18 -6.17 -11.85
CA LEU B 193 -15.77 -7.07 -12.83
C LEU B 193 -16.70 -6.30 -13.76
N TYR B 194 -16.66 -6.63 -15.04
CA TYR B 194 -17.51 -6.00 -16.05
C TYR B 194 -18.39 -7.04 -16.71
N MET B 195 -19.62 -6.65 -17.04
CA MET B 195 -20.47 -7.38 -17.99
C MET B 195 -20.58 -6.50 -19.23
N LEU B 196 -19.79 -6.82 -20.26
CA LEU B 196 -19.61 -5.93 -21.39
C LEU B 196 -20.68 -6.19 -22.44
N SER B 197 -21.32 -5.10 -22.89
CA SER B 197 -22.26 -5.15 -23.99
C SER B 197 -22.05 -3.91 -24.86
N ILE B 198 -22.29 -4.06 -26.16
CA ILE B 198 -22.25 -2.95 -27.10
C ILE B 198 -23.68 -2.68 -27.54
N VAL B 199 -24.16 -1.46 -27.29
CA VAL B 199 -25.52 -1.10 -27.64
C VAL B 199 -25.50 0.11 -28.56
N LYS B 200 -26.49 0.18 -29.44
CA LYS B 200 -26.70 1.38 -30.21
C LYS B 200 -27.22 2.50 -29.31
N LYS B 201 -27.20 3.72 -29.85
CA LYS B 201 -27.69 4.87 -29.10
C LYS B 201 -29.16 4.69 -28.71
N ASN B 202 -29.95 4.08 -29.59
CA ASN B 202 -31.36 3.86 -29.31
C ASN B 202 -31.59 2.76 -28.28
N GLY B 203 -30.62 1.87 -28.08
CA GLY B 203 -30.74 0.78 -27.12
C GLY B 203 -30.55 -0.60 -27.71
N ASP B 204 -30.57 -0.75 -29.03
CA ASP B 204 -30.40 -2.06 -29.65
C ASP B 204 -29.04 -2.65 -29.29
N VAL B 205 -29.04 -3.87 -28.78
CA VAL B 205 -27.80 -4.56 -28.45
C VAL B 205 -27.15 -5.05 -29.73
N VAL B 206 -25.89 -4.67 -29.93
CA VAL B 206 -25.13 -5.09 -31.10
C VAL B 206 -24.49 -6.44 -30.78
N PRO B 207 -24.74 -7.48 -31.58
CA PRO B 207 -24.14 -8.78 -31.28
C PRO B 207 -22.63 -8.76 -31.49
N MET B 208 -21.92 -9.47 -30.61
CA MET B 208 -20.48 -9.61 -30.71
C MET B 208 -20.15 -11.05 -31.03
N ARG B 209 -19.23 -11.24 -31.97
CA ARG B 209 -18.80 -12.58 -32.39
C ARG B 209 -17.45 -12.87 -31.73
N LEU B 210 -17.52 -13.68 -30.67
CA LEU B 210 -16.31 -14.06 -29.93
C LEU B 210 -15.45 -14.99 -30.79
N ILE B 211 -14.17 -14.66 -30.92
CA ILE B 211 -13.26 -15.45 -31.73
C ILE B 211 -12.06 -15.97 -30.96
N ALA B 212 -11.69 -15.37 -29.83
CA ALA B 212 -10.51 -15.80 -29.10
C ALA B 212 -10.63 -15.39 -27.64
N VAL B 213 -10.03 -16.19 -26.77
CA VAL B 213 -9.95 -15.89 -25.35
C VAL B 213 -8.49 -15.94 -24.92
N ASP B 214 -8.25 -16.21 -23.63
CA ASP B 214 -6.91 -16.11 -23.06
C ASP B 214 -5.86 -16.81 -23.91
N GLN B 215 -6.11 -18.05 -24.29
CA GLN B 215 -5.07 -18.91 -24.87
C GLN B 215 -5.26 -19.15 -26.37
N GLY B 216 -6.01 -18.31 -27.08
CA GLY B 216 -6.07 -18.41 -28.52
C GLY B 216 -7.49 -18.47 -29.03
N PHE B 217 -7.61 -18.87 -30.30
CA PHE B 217 -8.88 -18.84 -31.00
C PHE B 217 -9.81 -19.94 -30.48
N LEU B 218 -11.10 -19.78 -30.79
CA LEU B 218 -12.09 -20.82 -30.56
C LEU B 218 -12.14 -21.75 -31.78
N ALA B 219 -12.94 -22.80 -31.67
CA ALA B 219 -13.17 -23.67 -32.83
C ALA B 219 -13.90 -22.91 -33.94
N ARG B 220 -14.89 -22.11 -33.57
CA ARG B 220 -15.67 -21.32 -34.51
C ARG B 220 -16.17 -20.09 -33.76
N PRO B 221 -16.54 -19.03 -34.48
CA PRO B 221 -17.08 -17.84 -33.79
C PRO B 221 -18.39 -18.16 -33.09
N ILE B 222 -18.61 -17.47 -31.96
CA ILE B 222 -19.82 -17.62 -31.16
C ILE B 222 -20.42 -16.24 -30.96
N GLU B 223 -21.69 -16.08 -31.30
CA GLU B 223 -22.37 -14.80 -31.15
C GLU B 223 -22.83 -14.62 -29.71
N VAL B 224 -22.54 -13.45 -29.14
CA VAL B 224 -22.90 -13.13 -27.77
C VAL B 224 -23.57 -11.76 -27.74
N ARG B 225 -24.46 -11.58 -26.76
CA ARG B 225 -25.05 -10.28 -26.49
C ARG B 225 -24.26 -9.52 -25.43
N ALA B 226 -23.81 -10.22 -24.40
CA ALA B 226 -22.96 -9.65 -23.35
C ALA B 226 -22.06 -10.76 -22.83
N LEU B 227 -20.93 -10.36 -22.25
CA LEU B 227 -20.03 -11.33 -21.65
C LEU B 227 -19.34 -10.71 -20.44
N PHE B 228 -19.24 -11.51 -19.38
CA PHE B 228 -18.49 -11.09 -18.20
C PHE B 228 -16.99 -11.12 -18.50
N LEU B 229 -16.28 -10.07 -18.08
CA LEU B 229 -14.84 -10.02 -18.19
C LEU B 229 -14.27 -9.70 -16.82
N ALA B 230 -13.67 -10.70 -16.18
CA ALA B 230 -13.02 -10.57 -14.89
C ALA B 230 -11.58 -10.11 -15.06
N PRO B 231 -10.96 -9.58 -14.00
CA PRO B 231 -9.57 -9.12 -14.12
C PRO B 231 -8.65 -10.18 -14.71
N ALA B 232 -7.86 -9.76 -15.70
CA ALA B 232 -6.85 -10.51 -16.44
C ALA B 232 -7.47 -11.45 -17.47
N GLU B 233 -8.79 -11.47 -17.62
CA GLU B 233 -9.40 -12.23 -18.70
C GLU B 233 -9.31 -11.46 -20.02
N ARG B 234 -9.28 -12.20 -21.11
CA ARG B 234 -9.23 -11.62 -22.45
C ARG B 234 -10.33 -12.23 -23.32
N ALA B 235 -10.94 -11.40 -24.16
CA ALA B 235 -12.00 -11.85 -25.05
C ALA B 235 -11.95 -11.01 -26.32
N GLU B 236 -11.57 -11.63 -27.43
CA GLU B 236 -11.51 -10.95 -28.72
C GLU B 236 -12.84 -11.16 -29.45
N VAL B 237 -13.52 -10.05 -29.77
CA VAL B 237 -14.79 -10.10 -30.48
C VAL B 237 -14.67 -9.33 -31.78
N VAL B 238 -15.53 -9.70 -32.72
CA VAL B 238 -15.66 -9.01 -34.01
C VAL B 238 -17.05 -8.41 -34.09
N VAL B 239 -17.13 -7.13 -34.40
CA VAL B 239 -18.39 -6.42 -34.52
C VAL B 239 -18.45 -5.73 -35.87
N GLU B 240 -19.67 -5.54 -36.38
CA GLU B 240 -19.93 -4.79 -37.60
C GLU B 240 -20.58 -3.48 -37.20
N LEU B 241 -19.85 -2.37 -37.35
CA LEU B 241 -20.31 -1.06 -36.94
C LEU B 241 -20.59 -0.21 -38.18
N GLY B 242 -21.86 0.10 -38.41
CA GLY B 242 -22.24 1.06 -39.42
C GLY B 242 -22.28 2.46 -38.87
N GLU B 243 -22.58 3.42 -39.74
CA GLU B 243 -22.59 4.83 -39.35
C GLU B 243 -23.61 5.07 -38.25
N GLY B 244 -23.14 5.59 -37.12
CA GLY B 244 -23.98 5.85 -35.98
C GLY B 244 -23.14 6.01 -34.72
N VAL B 245 -23.83 5.95 -33.59
CA VAL B 245 -23.20 6.07 -32.28
C VAL B 245 -23.42 4.79 -31.50
N TYR B 246 -22.34 4.18 -31.03
CA TYR B 246 -22.39 2.96 -30.25
C TYR B 246 -21.73 3.18 -28.90
N LEU B 247 -22.24 2.48 -27.89
CA LEU B 247 -21.75 2.58 -26.53
C LEU B 247 -21.31 1.20 -26.04
N LEU B 248 -20.05 1.09 -25.64
CA LEU B 248 -19.59 -0.07 -24.87
C LEU B 248 -19.99 0.18 -23.42
N LYS B 249 -20.95 -0.59 -22.92
CA LYS B 249 -21.53 -0.34 -21.62
C LYS B 249 -21.27 -1.49 -20.67
N ASN B 250 -21.38 -1.20 -19.38
CA ASN B 250 -21.46 -2.21 -18.34
C ASN B 250 -22.94 -2.46 -18.06
N THR B 251 -23.39 -3.67 -18.33
CA THR B 251 -24.79 -4.02 -18.18
C THR B 251 -25.09 -4.35 -16.71
N PRO B 252 -26.28 -4.02 -16.22
CA PRO B 252 -26.59 -4.27 -14.80
C PRO B 252 -26.59 -5.75 -14.46
N PHE B 253 -25.93 -6.10 -13.36
CA PHE B 253 -25.93 -7.45 -12.84
C PHE B 253 -25.78 -7.38 -11.32
N ASP B 254 -25.87 -8.54 -10.68
CA ASP B 254 -25.74 -8.65 -9.23
C ASP B 254 -24.28 -8.93 -8.88
N HIS B 255 -23.58 -7.91 -8.39
CA HIS B 255 -22.26 -8.13 -7.81
C HIS B 255 -22.43 -8.77 -6.44
N MET B 256 -22.11 -10.06 -6.35
CA MET B 256 -22.33 -10.81 -5.12
C MET B 256 -21.19 -10.51 -4.17
N HIS B 257 -21.33 -9.43 -3.40
CA HIS B 257 -20.24 -8.90 -2.61
C HIS B 257 -20.25 -9.55 -1.22
N LEU B 258 -19.66 -8.86 -0.23
CA LEU B 258 -19.48 -9.39 1.12
C LEU B 258 -18.72 -10.72 1.10
N GLN B 265 -15.51 1.54 -1.38
CA GLN B 265 -16.35 2.66 -1.81
C GLN B 265 -17.39 2.22 -2.85
N GLU B 266 -18.61 2.72 -2.70
CA GLU B 266 -19.70 2.46 -3.64
C GLU B 266 -19.93 3.64 -4.57
N ALA B 267 -18.86 4.34 -4.95
CA ALA B 267 -19.02 5.49 -5.85
C ALA B 267 -19.53 5.06 -7.21
N LEU B 268 -18.94 4.01 -7.79
CA LEU B 268 -19.38 3.43 -9.05
C LEU B 268 -19.71 1.96 -8.79
N PRO B 269 -20.96 1.64 -8.44
CA PRO B 269 -21.30 0.25 -8.09
C PRO B 269 -20.94 -0.71 -9.22
N GLU B 270 -20.43 -1.87 -8.83
CA GLU B 270 -19.87 -2.81 -9.80
C GLU B 270 -20.94 -3.32 -10.77
N GLY B 271 -22.13 -3.59 -10.27
CA GLY B 271 -23.23 -4.09 -11.06
C GLY B 271 -24.15 -3.04 -11.63
N SER B 272 -23.80 -1.76 -11.50
CA SER B 272 -24.62 -0.70 -12.06
C SER B 272 -24.34 -0.51 -13.55
N GLU B 273 -25.18 0.26 -14.20
CA GLU B 273 -25.05 0.55 -15.62
C GLU B 273 -24.32 1.86 -15.83
N TYR B 274 -23.35 1.85 -16.74
CA TYR B 274 -22.57 3.04 -17.07
C TYR B 274 -21.89 2.80 -18.40
N THR B 275 -21.42 3.90 -19.01
CA THR B 275 -20.76 3.83 -20.30
C THR B 275 -19.25 3.73 -20.10
N ILE B 276 -18.63 2.76 -20.77
CA ILE B 276 -17.18 2.58 -20.69
C ILE B 276 -16.47 3.30 -21.82
N ALA B 277 -16.98 3.19 -23.05
CA ALA B 277 -16.39 3.86 -24.19
C ALA B 277 -17.51 4.26 -25.15
N THR B 278 -17.24 5.29 -25.94
CA THR B 278 -18.18 5.80 -26.94
C THR B 278 -17.56 5.65 -28.33
N PHE B 279 -18.38 5.20 -29.28
CA PHE B 279 -17.94 4.98 -30.66
C PHE B 279 -18.74 5.90 -31.57
N LEU B 280 -18.06 6.86 -32.19
CA LEU B 280 -18.65 7.75 -33.19
C LEU B 280 -18.25 7.22 -34.57
N VAL B 281 -19.18 6.53 -35.22
CA VAL B 281 -18.91 5.87 -36.49
C VAL B 281 -19.48 6.71 -37.62
N GLU B 282 -18.64 7.03 -38.60
CA GLU B 282 -19.03 7.94 -39.67
C GLU B 282 -18.23 7.60 -40.92
N GLY B 283 -18.92 7.55 -42.06
CA GLY B 283 -18.30 7.23 -43.31
C GLY B 283 -18.14 5.73 -43.52
N LYS B 284 -17.75 5.36 -44.73
CA LYS B 284 -17.59 3.96 -45.11
C LYS B 284 -16.12 3.57 -45.03
N GLY B 285 -15.84 2.51 -44.29
CA GLY B 285 -14.49 1.99 -44.20
C GLY B 285 -14.36 0.65 -44.89
N GLU B 286 -13.66 -0.30 -44.27
CA GLU B 286 -13.42 -1.60 -44.88
C GLU B 286 -14.23 -2.68 -44.17
N ALA B 287 -14.78 -3.60 -44.96
CA ALA B 287 -15.41 -4.80 -44.43
C ALA B 287 -14.41 -5.93 -44.43
N VAL B 288 -14.39 -6.69 -43.34
CA VAL B 288 -13.46 -7.80 -43.20
C VAL B 288 -14.24 -9.09 -42.97
N PRO B 289 -14.30 -9.98 -43.97
CA PRO B 289 -15.02 -11.26 -43.77
C PRO B 289 -14.27 -12.14 -42.78
N VAL B 290 -15.02 -12.70 -41.82
CA VAL B 290 -14.45 -13.56 -40.79
C VAL B 290 -15.34 -14.77 -40.62
N GLU B 291 -14.77 -15.96 -40.80
CA GLU B 291 -15.46 -17.21 -40.47
C GLU B 291 -14.49 -18.32 -40.13
N ALA B 292 -13.51 -18.58 -40.99
CA ALA B 292 -12.55 -19.65 -40.74
C ALA B 292 -11.50 -19.12 -39.76
N LEU B 293 -11.52 -19.65 -38.53
CA LEU B 293 -10.54 -19.21 -37.55
C LEU B 293 -9.32 -20.14 -37.58
N PRO B 294 -8.11 -19.60 -37.60
CA PRO B 294 -6.92 -20.44 -37.66
C PRO B 294 -6.70 -21.18 -36.36
N ASP B 295 -6.01 -22.32 -36.46
CA ASP B 295 -5.57 -23.09 -35.29
C ASP B 295 -6.72 -23.44 -34.35
N PRO B 296 -7.32 -24.63 -34.50
CA PRO B 296 -8.40 -25.01 -33.60
C PRO B 296 -7.86 -25.34 -32.23
N PRO B 297 -8.61 -25.04 -31.16
CA PRO B 297 -8.15 -25.37 -29.82
C PRO B 297 -8.06 -26.88 -29.63
N PRO B 298 -7.08 -27.37 -28.89
CA PRO B 298 -6.94 -28.81 -28.70
C PRO B 298 -8.05 -29.38 -27.83
N GLU B 299 -8.32 -30.66 -28.03
CA GLU B 299 -9.30 -31.35 -27.22
C GLU B 299 -8.73 -31.60 -25.82
N PRO B 300 -9.54 -31.45 -24.77
CA PRO B 300 -9.04 -31.67 -23.41
C PRO B 300 -8.56 -33.11 -23.23
N PRO B 301 -7.44 -33.31 -22.55
CA PRO B 301 -6.97 -34.67 -22.26
C PRO B 301 -7.78 -35.31 -21.14
N LYS B 302 -7.76 -36.64 -21.13
CA LYS B 302 -8.52 -37.41 -20.14
C LYS B 302 -7.83 -37.33 -18.78
N PRO B 303 -8.50 -36.82 -17.75
CA PRO B 303 -7.86 -36.75 -16.43
C PRO B 303 -7.77 -38.11 -15.76
N THR B 304 -6.72 -38.29 -14.97
CA THR B 304 -6.52 -39.51 -14.20
C THR B 304 -6.69 -39.30 -12.70
N ARG B 305 -6.81 -38.06 -12.24
CA ARG B 305 -6.99 -37.75 -10.83
C ARG B 305 -7.91 -36.54 -10.69
N THR B 306 -8.77 -36.58 -9.68
CA THR B 306 -9.65 -35.46 -9.35
C THR B 306 -9.14 -34.78 -8.09
N ARG B 307 -8.97 -33.47 -8.15
CA ARG B 307 -8.44 -32.67 -7.05
C ARG B 307 -9.40 -31.53 -6.79
N ARG B 308 -9.88 -31.43 -5.55
CA ARG B 308 -10.89 -30.45 -5.18
C ARG B 308 -10.24 -29.23 -4.54
N PHE B 309 -10.75 -28.05 -4.89
CA PHE B 309 -10.24 -26.79 -4.36
C PHE B 309 -11.39 -25.98 -3.78
N ALA B 310 -11.23 -25.53 -2.54
CA ALA B 310 -12.22 -24.73 -1.85
C ALA B 310 -11.69 -23.30 -1.68
N LEU B 311 -12.47 -22.32 -2.14
CA LEU B 311 -12.12 -20.91 -2.00
C LEU B 311 -12.95 -20.31 -0.88
N SER B 312 -12.30 -19.87 0.18
CA SER B 312 -12.99 -19.38 1.37
C SER B 312 -12.27 -18.16 1.92
N LEU B 313 -13.02 -17.37 2.68
CA LEU B 313 -12.46 -16.27 3.48
C LEU B 313 -12.34 -16.76 4.92
N SER B 314 -11.13 -17.13 5.32
CA SER B 314 -10.86 -17.59 6.68
C SER B 314 -10.54 -16.38 7.53
N GLY B 315 -11.58 -15.79 8.13
CA GLY B 315 -11.43 -14.59 8.93
C GLY B 315 -10.96 -13.38 8.14
N MET B 316 -9.66 -13.09 8.21
CA MET B 316 -9.08 -11.94 7.53
C MET B 316 -8.24 -12.35 6.33
N GLN B 317 -8.14 -13.65 6.05
CA GLN B 317 -7.22 -14.18 5.06
C GLN B 317 -7.97 -15.04 4.06
N TRP B 318 -7.97 -14.62 2.79
CA TRP B 318 -8.51 -15.46 1.73
C TRP B 318 -7.63 -16.70 1.56
N THR B 319 -8.27 -17.87 1.46
CA THR B 319 -7.55 -19.13 1.44
C THR B 319 -7.97 -19.98 0.25
N ILE B 320 -7.04 -20.80 -0.21
CA ILE B 320 -7.29 -21.83 -1.22
C ILE B 320 -7.02 -23.16 -0.55
N ASN B 321 -8.07 -23.96 -0.37
CA ASN B 321 -7.99 -25.20 0.43
C ASN B 321 -7.47 -24.92 1.83
N GLY B 322 -7.91 -23.80 2.42
CA GLY B 322 -7.48 -23.41 3.74
C GLY B 322 -6.06 -22.91 3.84
N MET B 323 -5.32 -22.88 2.73
CA MET B 323 -3.95 -22.41 2.72
C MET B 323 -3.87 -21.02 2.09
N SER B 324 -2.78 -20.32 2.43
CA SER B 324 -2.47 -19.02 1.84
C SER B 324 -0.98 -18.96 1.61
N TRP B 325 -0.52 -17.88 1.00
CA TRP B 325 0.89 -17.74 0.66
C TRP B 325 1.73 -17.68 1.92
N ASN B 326 2.84 -18.42 1.92
CA ASN B 326 3.81 -18.41 3.01
C ASN B 326 4.91 -17.43 2.63
N ALA B 327 4.83 -16.21 3.15
CA ALA B 327 5.82 -15.19 2.82
C ALA B 327 7.19 -15.55 3.37
N SER B 328 7.23 -16.27 4.49
CA SER B 328 8.51 -16.65 5.09
C SER B 328 9.27 -17.65 4.23
N ASN B 329 8.55 -18.50 3.50
CA ASN B 329 9.14 -19.54 2.66
C ASN B 329 8.43 -19.51 1.32
N PRO B 330 8.85 -18.61 0.41
CA PRO B 330 8.16 -18.49 -0.88
C PRO B 330 8.24 -19.76 -1.73
N LEU B 331 9.16 -20.66 -1.43
CA LEU B 331 9.29 -21.93 -2.13
C LEU B 331 8.45 -23.03 -1.50
N PHE B 332 7.58 -22.69 -0.56
CA PHE B 332 6.75 -23.69 0.11
C PHE B 332 5.83 -24.38 -0.88
N GLU B 333 5.83 -25.72 -0.85
CA GLU B 333 5.10 -26.52 -1.82
C GLU B 333 3.73 -26.86 -1.23
N HIS B 334 2.73 -26.02 -1.55
CA HIS B 334 1.39 -26.21 -1.00
C HIS B 334 0.72 -27.44 -1.57
N VAL B 335 0.74 -27.60 -2.89
CA VAL B 335 0.05 -28.69 -3.57
C VAL B 335 1.03 -29.34 -4.53
N SER B 336 1.16 -30.67 -4.44
CA SER B 336 2.01 -31.44 -5.34
C SER B 336 1.15 -32.18 -6.35
N VAL B 337 1.43 -31.98 -7.63
CA VAL B 337 0.61 -32.51 -8.70
C VAL B 337 1.48 -33.38 -9.61
N GLU B 338 0.80 -34.17 -10.45
CA GLU B 338 1.47 -35.01 -11.44
C GLU B 338 0.44 -35.46 -12.47
N GLY B 339 0.78 -35.31 -13.75
CA GLY B 339 -0.04 -35.81 -14.82
C GLY B 339 -1.24 -34.93 -15.12
N VAL B 340 -2.25 -35.55 -15.73
CA VAL B 340 -3.46 -34.86 -16.14
C VAL B 340 -4.47 -34.93 -15.00
N GLU B 341 -4.83 -33.77 -14.45
CA GLU B 341 -5.73 -33.68 -13.32
C GLU B 341 -6.99 -32.91 -13.70
N LEU B 342 -8.09 -33.27 -13.06
CA LEU B 342 -9.36 -32.55 -13.16
C LEU B 342 -9.60 -31.84 -11.85
N TRP B 343 -9.67 -30.51 -11.90
CA TRP B 343 -9.76 -29.69 -10.70
C TRP B 343 -11.19 -29.24 -10.49
N GLU B 344 -11.77 -29.61 -9.35
CA GLU B 344 -13.07 -29.10 -8.91
C GLU B 344 -12.83 -27.89 -8.03
N ILE B 345 -12.92 -26.70 -8.62
CA ILE B 345 -12.74 -25.46 -7.87
C ILE B 345 -14.12 -24.99 -7.43
N VAL B 346 -14.35 -24.99 -6.11
CA VAL B 346 -15.66 -24.70 -5.55
C VAL B 346 -15.54 -23.46 -4.68
N ASN B 347 -16.36 -22.44 -4.98
CA ASN B 347 -16.39 -21.21 -4.22
C ASN B 347 -17.50 -21.29 -3.17
N ASP B 348 -17.21 -20.78 -1.98
CA ASP B 348 -18.20 -20.76 -0.92
C ASP B 348 -19.38 -19.86 -1.29
N LYS B 349 -20.54 -20.17 -0.72
CA LYS B 349 -21.67 -19.27 -0.85
C LYS B 349 -21.41 -17.94 -0.15
N ALA B 350 -20.79 -17.98 1.03
CA ALA B 350 -20.42 -16.78 1.77
C ALA B 350 -19.05 -16.29 1.29
N SER B 351 -19.03 -15.83 0.05
CA SER B 351 -17.78 -15.41 -0.58
C SER B 351 -18.12 -14.35 -1.64
N MET B 352 -17.19 -14.13 -2.57
CA MET B 352 -17.40 -13.21 -3.68
C MET B 352 -16.71 -13.79 -4.91
N THR B 353 -16.77 -13.05 -6.01
CA THR B 353 -16.21 -13.55 -7.27
C THR B 353 -14.70 -13.63 -7.21
N HIS B 354 -14.15 -14.70 -7.78
CA HIS B 354 -12.71 -14.94 -7.80
C HIS B 354 -12.25 -15.23 -9.23
N PRO B 355 -11.52 -14.30 -9.86
CA PRO B 355 -10.87 -14.64 -11.13
C PRO B 355 -9.63 -15.50 -10.90
N VAL B 356 -9.81 -16.81 -10.86
CA VAL B 356 -8.76 -17.75 -10.50
C VAL B 356 -7.83 -17.96 -11.70
N HIS B 357 -6.53 -18.09 -11.42
CA HIS B 357 -5.52 -18.15 -12.46
C HIS B 357 -4.37 -19.08 -12.04
N LEU B 358 -3.94 -19.93 -12.96
CA LEU B 358 -2.86 -20.88 -12.74
C LEU B 358 -1.72 -20.58 -13.70
N HIS B 359 -0.51 -20.44 -13.16
CA HIS B 359 0.66 -20.19 -13.99
C HIS B 359 1.10 -21.47 -14.69
N GLY B 360 1.81 -21.28 -15.81
CA GLY B 360 2.52 -22.37 -16.46
C GLY B 360 1.71 -23.30 -17.35
N PHE B 361 0.42 -23.46 -17.08
CA PHE B 361 -0.37 -24.46 -17.79
C PHE B 361 -1.73 -23.90 -18.16
N PRO B 362 -2.17 -24.06 -19.41
CA PRO B 362 -3.53 -23.65 -19.79
C PRO B 362 -4.55 -24.60 -19.17
N MET B 363 -5.81 -24.17 -19.21
CA MET B 363 -6.89 -24.96 -18.62
C MET B 363 -8.05 -25.09 -19.60
N TRP B 364 -8.54 -26.33 -19.74
CA TRP B 364 -9.80 -26.60 -20.43
C TRP B 364 -10.93 -26.50 -19.42
N ILE B 365 -11.95 -25.70 -19.75
CA ILE B 365 -13.15 -25.64 -18.93
C ILE B 365 -14.03 -26.81 -19.32
N ILE B 366 -14.54 -27.54 -18.32
CA ILE B 366 -15.31 -28.75 -18.55
C ILE B 366 -16.78 -28.56 -18.21
N GLU B 367 -17.07 -27.86 -17.11
CA GLU B 367 -18.45 -27.81 -16.63
C GLU B 367 -18.58 -26.69 -15.61
N ARG B 368 -19.72 -25.99 -15.64
CA ARG B 368 -20.14 -25.06 -14.60
C ARG B 368 -21.45 -25.57 -14.01
N LYS B 369 -21.46 -25.84 -12.71
CA LYS B 369 -22.68 -26.19 -12.01
C LYS B 369 -22.90 -25.25 -10.83
N ASP B 370 -24.17 -25.09 -10.47
CA ASP B 370 -24.59 -24.17 -9.40
C ASP B 370 -24.21 -22.72 -9.70
N SER B 371 -24.24 -22.35 -10.97
CA SER B 371 -24.02 -20.96 -11.34
C SER B 371 -25.23 -20.11 -10.96
N PRO B 372 -25.03 -18.83 -10.67
CA PRO B 372 -26.18 -17.93 -10.47
C PRO B 372 -26.99 -17.81 -11.75
N ARG B 373 -28.24 -17.36 -11.59
CA ARG B 373 -29.14 -17.29 -12.74
C ARG B 373 -28.59 -16.38 -13.84
N GLN B 374 -28.03 -15.23 -13.46
CA GLN B 374 -27.50 -14.32 -14.46
C GLN B 374 -26.37 -14.96 -15.27
N VAL B 375 -25.64 -15.89 -14.67
CA VAL B 375 -24.57 -16.57 -15.40
C VAL B 375 -25.13 -17.74 -16.20
N ALA B 376 -26.00 -18.54 -15.58
CA ALA B 376 -26.57 -19.69 -16.28
C ALA B 376 -27.37 -19.28 -17.50
N GLU B 377 -27.93 -18.07 -17.50
CA GLU B 377 -28.68 -17.58 -18.64
C GLU B 377 -27.79 -17.36 -19.87
N LEU B 378 -26.47 -17.27 -19.68
CA LEU B 378 -25.56 -17.00 -20.77
C LEU B 378 -24.86 -18.25 -21.30
N ALA B 379 -25.04 -19.39 -20.65
CA ALA B 379 -24.35 -20.61 -21.07
C ALA B 379 -24.80 -21.03 -22.47
N VAL B 380 -23.99 -21.87 -23.10
CA VAL B 380 -24.23 -22.25 -24.50
C VAL B 380 -24.17 -23.75 -24.69
N ASP B 381 -24.13 -24.52 -23.60
CA ASP B 381 -24.18 -25.96 -23.71
C ASP B 381 -24.78 -26.54 -22.42
N ASN B 382 -24.95 -27.86 -22.42
CA ASN B 382 -25.61 -28.56 -21.32
C ASN B 382 -24.75 -28.73 -20.08
N ARG B 383 -23.51 -28.22 -20.11
CA ARG B 383 -22.65 -28.22 -18.93
C ARG B 383 -22.44 -26.82 -18.37
N GLY B 384 -23.35 -25.90 -18.68
CA GLY B 384 -23.30 -24.56 -18.13
C GLY B 384 -22.12 -23.73 -18.57
N ARG B 385 -21.49 -24.07 -19.68
CA ARG B 385 -20.28 -23.38 -20.12
C ARG B 385 -20.64 -22.11 -20.88
N LEU B 386 -20.02 -21.00 -20.50
CA LEU B 386 -20.19 -19.75 -21.21
C LEU B 386 -19.43 -19.80 -22.54
N PRO B 387 -19.76 -18.90 -23.48
CA PRO B 387 -18.99 -18.85 -24.74
C PRO B 387 -17.49 -18.74 -24.52
N THR B 388 -17.06 -17.99 -23.50
CA THR B 388 -15.64 -17.87 -23.22
C THR B 388 -15.05 -19.15 -22.66
N ASP B 389 -15.87 -20.01 -22.05
CA ASP B 389 -15.37 -21.29 -21.55
C ASP B 389 -15.02 -22.25 -22.67
N LEU B 390 -15.56 -22.04 -23.87
CA LEU B 390 -15.36 -22.95 -24.98
C LEU B 390 -14.00 -22.79 -25.65
N GLY B 391 -13.13 -21.94 -25.12
CA GLY B 391 -11.78 -21.80 -25.61
C GLY B 391 -10.77 -22.14 -24.52
N LEU B 392 -9.51 -22.25 -24.93
CA LEU B 392 -8.44 -22.52 -23.98
C LEU B 392 -8.20 -21.28 -23.13
N LYS B 393 -8.18 -21.46 -21.81
CA LYS B 393 -8.18 -20.37 -20.86
C LYS B 393 -6.97 -20.46 -19.93
N ASP B 394 -6.74 -19.36 -19.20
CA ASP B 394 -5.84 -19.38 -18.05
C ASP B 394 -6.36 -18.59 -16.86
N THR B 395 -7.47 -17.86 -17.01
CA THR B 395 -8.09 -17.12 -15.92
C THR B 395 -9.60 -17.29 -16.03
N VAL B 396 -10.18 -17.99 -15.06
CA VAL B 396 -11.60 -18.32 -15.09
C VAL B 396 -12.28 -17.70 -13.87
N LEU B 397 -13.46 -17.13 -14.10
CA LEU B 397 -14.22 -16.47 -13.04
C LEU B 397 -15.11 -17.50 -12.34
N ILE B 398 -15.10 -17.48 -11.01
CA ILE B 398 -15.90 -18.39 -10.20
C ILE B 398 -16.78 -17.57 -9.28
N TRP B 399 -18.08 -17.83 -9.32
CA TRP B 399 -19.06 -17.11 -8.54
C TRP B 399 -19.31 -17.80 -7.20
N PRO B 400 -19.78 -17.06 -6.20
CA PRO B 400 -20.08 -17.69 -4.90
C PRO B 400 -21.09 -18.81 -5.03
N GLY B 401 -20.75 -19.96 -4.46
CA GLY B 401 -21.59 -21.14 -4.53
C GLY B 401 -21.48 -21.93 -5.81
N GLU B 402 -20.69 -21.45 -6.77
CA GLU B 402 -20.55 -22.11 -8.07
C GLU B 402 -19.38 -23.08 -8.05
N THR B 403 -19.49 -24.14 -8.84
CA THR B 403 -18.41 -25.10 -9.04
C THR B 403 -17.98 -25.05 -10.51
N VAL B 404 -16.68 -24.90 -10.72
CA VAL B 404 -16.10 -24.91 -12.06
C VAL B 404 -15.07 -26.03 -12.11
N LYS B 405 -15.27 -26.97 -13.03
CA LYS B 405 -14.35 -28.09 -13.22
C LYS B 405 -13.47 -27.83 -14.43
N ILE B 406 -12.16 -27.92 -14.25
CA ILE B 406 -11.20 -27.71 -15.32
C ILE B 406 -10.27 -28.91 -15.39
N VAL B 407 -9.59 -29.04 -16.53
CA VAL B 407 -8.62 -30.09 -16.77
C VAL B 407 -7.27 -29.43 -17.04
N VAL B 408 -6.23 -29.92 -16.36
CA VAL B 408 -4.87 -29.40 -16.52
C VAL B 408 -3.95 -30.59 -16.76
N ASN B 409 -3.04 -30.44 -17.73
CA ASN B 409 -2.06 -31.46 -18.08
C ASN B 409 -0.71 -31.01 -17.52
N PHE B 410 -0.33 -31.55 -16.37
CA PHE B 410 0.96 -31.22 -15.76
C PHE B 410 2.03 -32.02 -16.49
N ASP B 411 2.54 -31.42 -17.56
CA ASP B 411 3.49 -32.04 -18.46
C ASP B 411 4.79 -32.38 -17.73
N ALA B 412 5.46 -33.42 -18.22
CA ALA B 412 6.77 -33.81 -17.71
C ALA B 412 7.85 -32.78 -17.99
N LYS B 413 7.60 -31.81 -18.86
CA LYS B 413 8.62 -30.85 -19.23
C LYS B 413 8.96 -29.90 -18.09
N LYS B 414 8.04 -29.67 -17.16
CA LYS B 414 8.26 -28.68 -16.11
C LYS B 414 8.26 -29.28 -14.70
N ARG B 415 8.51 -30.57 -14.54
CA ARG B 415 8.54 -31.12 -13.19
C ARG B 415 9.80 -30.66 -12.46
N GLY B 416 9.70 -30.60 -11.13
CA GLY B 416 10.73 -29.99 -10.32
C GLY B 416 10.64 -28.49 -10.23
N GLN B 417 9.57 -27.90 -10.73
CA GLN B 417 9.35 -26.45 -10.73
C GLN B 417 8.09 -26.11 -9.93
N LEU B 418 7.99 -24.84 -9.56
CA LEU B 418 6.84 -24.32 -8.83
C LEU B 418 6.10 -23.31 -9.68
N PHE B 419 4.77 -23.34 -9.64
CA PHE B 419 3.95 -22.40 -10.37
C PHE B 419 2.82 -21.86 -9.50
N PRO B 420 2.69 -20.55 -9.38
CA PRO B 420 1.66 -19.98 -8.50
C PRO B 420 0.25 -20.28 -9.01
N PHE B 421 -0.66 -20.47 -8.06
CA PHE B 421 -2.09 -20.62 -8.34
C PHE B 421 -2.80 -19.65 -7.41
N HIS B 422 -3.36 -18.57 -7.97
CA HIS B 422 -3.85 -17.49 -7.16
C HIS B 422 -5.08 -16.85 -7.81
N CYS B 423 -5.77 -16.04 -7.03
CA CYS B 423 -6.83 -15.20 -7.57
C CYS B 423 -6.23 -13.93 -8.14
N HIS B 424 -6.76 -13.48 -9.29
CA HIS B 424 -6.24 -12.30 -9.94
C HIS B 424 -6.95 -11.03 -9.49
N ASN B 425 -7.78 -11.10 -8.45
CA ASN B 425 -8.12 -9.91 -7.68
C ASN B 425 -6.87 -9.49 -6.94
N LEU B 426 -6.25 -8.39 -7.38
CA LEU B 426 -4.92 -8.04 -6.89
C LEU B 426 -4.92 -7.75 -5.40
N GLU B 427 -6.06 -7.30 -4.85
CA GLU B 427 -6.16 -7.16 -3.41
C GLU B 427 -6.17 -8.53 -2.73
N HIS B 428 -6.86 -9.50 -3.33
CA HIS B 428 -6.86 -10.86 -2.78
C HIS B 428 -5.48 -11.49 -2.90
N GLU B 429 -4.80 -11.28 -4.03
CA GLU B 429 -3.47 -11.85 -4.21
C GLU B 429 -2.48 -11.24 -3.23
N ASP B 430 -2.49 -9.91 -3.10
CA ASP B 430 -1.60 -9.26 -2.13
C ASP B 430 -1.89 -9.74 -0.72
N GLY B 431 -3.15 -10.01 -0.40
CA GLY B 431 -3.51 -10.52 0.92
C GLY B 431 -3.02 -11.92 1.19
N GLY B 432 -2.63 -12.66 0.16
CA GLY B 432 -2.05 -13.98 0.37
C GLY B 432 -2.82 -15.12 -0.28
N MET B 433 -3.82 -14.80 -1.10
CA MET B 433 -4.60 -15.83 -1.78
C MET B 433 -3.79 -16.35 -2.97
N MET B 434 -2.75 -17.10 -2.64
CA MET B 434 -1.82 -17.63 -3.64
C MET B 434 -1.10 -18.83 -3.05
N ILE B 435 -0.96 -19.88 -3.84
CA ILE B 435 -0.27 -21.10 -3.42
C ILE B 435 0.64 -21.59 -4.54
N ASN B 436 1.69 -22.31 -4.16
CA ASN B 436 2.61 -22.92 -5.11
C ASN B 436 2.08 -24.28 -5.53
N ILE B 437 2.03 -24.52 -6.84
CA ILE B 437 1.70 -25.82 -7.39
C ILE B 437 3.01 -26.49 -7.79
N ALA B 438 3.36 -27.56 -7.09
CA ALA B 438 4.64 -28.24 -7.27
C ALA B 438 4.46 -29.46 -8.17
N VAL B 439 5.16 -29.47 -9.30
CA VAL B 439 5.17 -30.61 -10.20
C VAL B 439 6.23 -31.59 -9.72
N LYS B 440 5.86 -32.86 -9.62
CA LYS B 440 6.76 -33.87 -9.06
C LYS B 440 7.73 -34.41 -10.11
CU CU C . -4.07 3.37 17.01
CU CU D . -0.83 13.91 12.24
CU CU E . 0.82 15.93 14.47
CU CU F . 3.23 13.18 13.18
CL CL G . -14.31 -3.49 26.35
CU CU H . -10.20 -13.53 -5.44
CU CU I . -0.13 -14.41 -11.37
CU CU J . -0.18 -16.01 -15.05
CU CU K . -1.48 -11.88 -14.59
#